data_6IUS
#
_entry.id   6IUS
#
_cell.length_a   166.501
_cell.length_b   107.842
_cell.length_c   112.306
_cell.angle_alpha   90.00
_cell.angle_beta   130.04
_cell.angle_gamma   90.00
#
_symmetry.space_group_name_H-M   'C 1 2 1'
#
loop_
_entity.id
_entity.type
_entity.pdbx_description
1 polymer 'Ribulose-1,5-bisphosphate carboxylase/oxygenase'
2 water water
#
_entity_poly.entity_id   1
_entity_poly.type   'polypeptide(L)'
_entity_poly.pdbx_seq_one_letter_code
;MALDQTNRYSDLSLKEDELIASGDYVLCAYLMKPKSGYGYLEAAAHFAAESSTGTNVEVSTTDDFTKGVDALVYEIDEAK
ELMKIAYPVDLFDINIIDGRAMLASFLTLTIGNNQGMGDIEYAKMLDFYMPPKYLRLYDGPAVNIQDMWRILGRPIENGG
YIAGTIIKPKLGLRPEPFAEAAYQFWLGGDFIKNDEPQGNQPFSPMKKTIPLVADAMRRAQDETGEAKLFSANITADDPA
EMIARGEFVLETFGFEASQVAFLVDGYVAGPTAVATARRNFPNQFLHFHRAGHGAVTSPQSKRGYTAFVHIKMTRLLGAS
GMHVGTMGYGKMEGEASDKLIAYMIERDSADGPFYHQEWAGMKPTTPIISGGMNALRLPGFFENLGHGNVINTAGGGTYG
HIDSPAAGAVSLRQAYECWKEGADPVEYAKEHKEFARAFESFPHDADAIFPGWRDKLGVHK
;
_entity_poly.pdbx_strand_id   A,B,C
#
# COMPACT_ATOMS: atom_id res chain seq x y z
N LEU A 3 -23.43 -3.84 37.89
CA LEU A 3 -23.12 -4.15 36.48
C LEU A 3 -22.63 -5.61 36.38
N ASP A 4 -23.25 -6.41 35.52
CA ASP A 4 -22.84 -7.84 35.35
C ASP A 4 -21.61 -7.87 34.43
N GLN A 5 -21.37 -6.83 33.63
CA GLN A 5 -20.14 -6.63 32.83
C GLN A 5 -18.92 -6.63 33.76
N THR A 6 -18.99 -5.85 34.84
CA THR A 6 -17.91 -5.78 35.86
C THR A 6 -17.69 -7.16 36.47
N ASN A 7 -18.77 -7.86 36.84
CA ASN A 7 -18.73 -9.20 37.46
C ASN A 7 -18.09 -10.21 36.50
N ARG A 8 -18.64 -10.31 35.27
CA ARG A 8 -18.22 -11.27 34.21
C ARG A 8 -16.73 -11.10 33.83
N TYR A 9 -16.21 -9.87 33.77
CA TYR A 9 -14.85 -9.56 33.24
C TYR A 9 -13.89 -9.18 34.36
N SER A 10 -14.16 -9.52 35.62
CA SER A 10 -13.16 -9.37 36.71
C SER A 10 -13.34 -10.45 37.76
N ASP A 11 -12.28 -10.75 38.48
CA ASP A 11 -12.27 -11.71 39.62
C ASP A 11 -11.00 -11.46 40.43
N LEU A 12 -11.10 -10.52 41.38
CA LEU A 12 -9.99 -10.05 42.26
C LEU A 12 -9.56 -11.14 43.25
N SER A 13 -10.28 -12.27 43.29
CA SER A 13 -9.95 -13.45 44.14
C SER A 13 -8.99 -14.40 43.41
N LEU A 14 -8.79 -14.25 42.10
CA LEU A 14 -7.78 -15.08 41.37
C LEU A 14 -6.39 -14.66 41.86
N LYS A 15 -5.51 -15.66 42.04
CA LYS A 15 -4.09 -15.47 42.46
C LYS A 15 -3.16 -15.55 41.23
N GLU A 16 -2.33 -14.53 41.08
CA GLU A 16 -1.31 -14.41 40.03
C GLU A 16 -0.49 -15.69 39.97
N ASP A 17 0.02 -16.15 41.11
CA ASP A 17 0.84 -17.38 41.22
C ASP A 17 0.15 -18.53 40.50
N GLU A 18 -1.17 -18.67 40.69
CA GLU A 18 -1.97 -19.82 40.19
C GLU A 18 -2.27 -19.63 38.69
N LEU A 19 -2.45 -18.39 38.25
CA LEU A 19 -2.63 -18.04 36.80
C LEU A 19 -1.38 -18.42 36.02
N ILE A 20 -0.21 -18.08 36.56
CA ILE A 20 1.14 -18.46 36.03
C ILE A 20 1.30 -20.00 36.05
N ALA A 21 1.09 -20.64 37.20
CA ALA A 21 1.22 -22.11 37.35
C ALA A 21 0.35 -22.84 36.31
N SER A 22 -0.83 -22.33 35.97
CA SER A 22 -1.78 -23.04 35.06
C SER A 22 -1.20 -23.14 33.64
N GLY A 23 -0.26 -22.25 33.28
CA GLY A 23 0.28 -22.07 31.92
C GLY A 23 -0.80 -21.90 30.88
N ASP A 24 -1.95 -21.34 31.27
CA ASP A 24 -3.13 -21.14 30.38
C ASP A 24 -3.38 -19.67 30.08
N TYR A 25 -2.56 -18.75 30.56
CA TYR A 25 -2.92 -17.31 30.54
C TYR A 25 -1.71 -16.49 30.14
N VAL A 26 -1.91 -15.56 29.20
CA VAL A 26 -0.98 -14.41 29.02
C VAL A 26 -1.38 -13.35 30.05
N LEU A 27 -0.45 -12.81 30.83
CA LEU A 27 -0.83 -11.72 31.75
C LEU A 27 -0.22 -10.42 31.23
N CYS A 28 -0.97 -9.32 31.35
CA CYS A 28 -0.45 -7.96 31.12
C CYS A 28 -0.75 -7.09 32.33
N ALA A 29 0.22 -6.25 32.71
CA ALA A 29 0.11 -5.23 33.76
C ALA A 29 0.11 -3.86 33.09
N TYR A 30 -0.78 -2.98 33.53
CA TYR A 30 -0.98 -1.64 32.96
C TYR A 30 -1.05 -0.57 34.07
N LEU A 31 -0.46 0.60 33.76
CA LEU A 31 -0.88 1.91 34.33
C LEU A 31 -2.23 2.27 33.70
N MET A 32 -3.31 2.31 34.48
CA MET A 32 -4.63 2.75 33.97
C MET A 32 -5.20 3.81 34.93
N LYS A 33 -5.80 4.88 34.38
CA LYS A 33 -6.62 5.87 35.12
C LYS A 33 -7.96 6.02 34.41
N PRO A 34 -9.11 5.80 35.10
CA PRO A 34 -10.42 6.01 34.47
C PRO A 34 -10.68 7.50 34.25
N LYS A 35 -11.60 7.84 33.35
CA LYS A 35 -12.25 9.18 33.24
C LYS A 35 -13.01 9.44 34.55
N SER A 36 -13.03 10.71 35.00
CA SER A 36 -13.80 11.21 36.17
C SER A 36 -15.21 10.60 36.20
N GLY A 37 -15.61 10.03 37.32
CA GLY A 37 -16.97 9.45 37.51
C GLY A 37 -17.04 7.94 37.29
N TYR A 38 -16.05 7.35 36.62
CA TYR A 38 -16.00 5.88 36.39
C TYR A 38 -15.20 5.25 37.54
N GLY A 39 -15.79 4.28 38.23
CA GLY A 39 -15.12 3.44 39.23
C GLY A 39 -13.99 2.63 38.60
N TYR A 40 -12.94 2.32 39.36
CA TYR A 40 -11.71 1.66 38.83
C TYR A 40 -12.07 0.27 38.32
N LEU A 41 -12.69 -0.57 39.15
CA LEU A 41 -13.02 -1.96 38.77
C LEU A 41 -13.98 -2.01 37.56
N GLU A 42 -15.01 -1.17 37.47
CA GLU A 42 -15.94 -1.15 36.30
C GLU A 42 -15.18 -0.81 35.01
N ALA A 43 -14.30 0.19 35.04
CA ALA A 43 -13.55 0.68 33.86
C ALA A 43 -12.57 -0.44 33.44
N ALA A 44 -11.92 -1.09 34.41
CA ALA A 44 -10.98 -2.22 34.21
C ALA A 44 -11.70 -3.41 33.56
N ALA A 45 -12.82 -3.86 34.12
CA ALA A 45 -13.63 -4.97 33.56
C ALA A 45 -14.07 -4.63 32.12
N HIS A 46 -14.43 -3.37 31.88
CA HIS A 46 -14.79 -2.84 30.54
C HIS A 46 -13.59 -2.97 29.59
N PHE A 47 -12.38 -2.63 30.04
CA PHE A 47 -11.09 -2.78 29.30
C PHE A 47 -10.89 -4.27 28.96
N ALA A 48 -11.01 -5.17 29.93
CA ALA A 48 -10.85 -6.62 29.71
C ALA A 48 -11.84 -7.07 28.63
N ALA A 49 -13.08 -6.54 28.66
CA ALA A 49 -14.12 -6.91 27.66
C ALA A 49 -13.70 -6.41 26.27
N GLU A 50 -13.23 -5.17 26.18
CA GLU A 50 -12.86 -4.55 24.88
C GLU A 50 -11.58 -5.22 24.34
N SER A 51 -10.82 -5.86 25.23
CA SER A 51 -9.53 -6.53 24.93
C SER A 51 -9.72 -8.05 24.71
N SER A 52 -10.95 -8.52 24.55
CA SER A 52 -11.29 -9.95 24.37
C SER A 52 -12.65 -10.09 23.71
N THR A 53 -13.67 -10.52 24.45
CA THR A 53 -14.97 -11.03 23.90
C THR A 53 -15.99 -9.89 23.66
N GLY A 54 -15.78 -8.69 24.21
CA GLY A 54 -16.69 -7.54 24.06
C GLY A 54 -17.88 -7.57 25.01
N THR A 55 -18.68 -8.66 25.00
CA THR A 55 -19.87 -8.92 25.87
C THR A 55 -19.92 -10.41 26.18
N GLY A 68 -14.86 -20.60 27.92
CA GLY A 68 -14.61 -19.23 28.39
C GLY A 68 -13.27 -18.67 27.90
N VAL A 69 -13.30 -17.67 27.02
CA VAL A 69 -12.11 -16.96 26.50
C VAL A 69 -12.15 -15.47 26.92
N ASP A 70 -12.98 -15.13 27.91
CA ASP A 70 -13.05 -13.75 28.45
C ASP A 70 -11.71 -13.47 29.14
N ALA A 71 -11.10 -12.34 28.83
CA ALA A 71 -10.02 -11.73 29.61
C ALA A 71 -10.57 -11.33 31.01
N LEU A 72 -9.77 -11.43 32.05
CA LEU A 72 -10.20 -11.17 33.45
C LEU A 72 -9.23 -10.15 34.09
N VAL A 73 -9.78 -9.06 34.61
CA VAL A 73 -9.11 -8.22 35.65
C VAL A 73 -8.98 -9.09 36.91
N TYR A 74 -7.75 -9.46 37.30
CA TYR A 74 -7.44 -10.27 38.50
C TYR A 74 -6.77 -9.40 39.59
N GLU A 75 -6.33 -8.19 39.27
CA GLU A 75 -5.67 -7.30 40.27
C GLU A 75 -5.89 -5.84 39.89
N ILE A 76 -6.35 -5.03 40.84
CA ILE A 76 -6.36 -3.54 40.71
C ILE A 76 -5.69 -2.93 41.93
N ASP A 77 -4.99 -1.82 41.73
CA ASP A 77 -4.57 -0.92 42.82
C ASP A 77 -5.03 0.48 42.45
N GLU A 78 -6.25 0.84 42.83
CA GLU A 78 -6.92 2.11 42.45
C GLU A 78 -5.98 3.28 42.73
N ALA A 79 -5.27 3.23 43.85
CA ALA A 79 -4.34 4.27 44.33
C ALA A 79 -3.07 4.31 43.49
N LYS A 80 -2.61 3.17 42.98
CA LYS A 80 -1.34 3.11 42.23
C LYS A 80 -1.65 3.24 40.73
N GLU A 81 -2.94 3.25 40.38
CA GLU A 81 -3.42 3.34 38.97
C GLU A 81 -2.95 2.09 38.19
N LEU A 82 -2.90 0.95 38.90
CA LEU A 82 -2.38 -0.33 38.40
C LEU A 82 -3.56 -1.30 38.22
N MET A 83 -3.62 -1.90 37.02
CA MET A 83 -4.61 -2.92 36.58
C MET A 83 -3.86 -4.10 35.95
N LYS A 84 -4.27 -5.34 36.27
CA LYS A 84 -3.63 -6.59 35.78
C LYS A 84 -4.70 -7.51 35.21
N ILE A 85 -4.49 -7.98 33.97
CA ILE A 85 -5.50 -8.72 33.17
C ILE A 85 -4.93 -10.06 32.75
N ALA A 86 -5.72 -11.12 32.90
CA ALA A 86 -5.38 -12.50 32.48
C ALA A 86 -6.11 -12.78 31.16
N TYR A 87 -5.35 -13.15 30.12
CA TYR A 87 -5.82 -13.41 28.74
C TYR A 87 -5.68 -14.91 28.47
N PRO A 88 -6.78 -15.68 28.38
CA PRO A 88 -6.67 -17.08 28.03
C PRO A 88 -5.96 -17.23 26.66
N VAL A 89 -5.02 -18.15 26.62
CA VAL A 89 -4.07 -18.32 25.48
C VAL A 89 -4.82 -18.46 24.16
N ASP A 90 -5.96 -19.17 24.15
CA ASP A 90 -6.78 -19.50 22.98
C ASP A 90 -7.43 -18.25 22.38
N LEU A 91 -7.36 -17.09 23.02
CA LEU A 91 -7.70 -15.82 22.31
C LEU A 91 -6.72 -15.54 21.15
N PHE A 92 -5.45 -15.98 21.21
CA PHE A 92 -4.39 -15.37 20.36
C PHE A 92 -4.37 -16.09 19.01
N ASP A 93 -4.21 -15.34 17.92
CA ASP A 93 -4.35 -15.89 16.54
C ASP A 93 -3.14 -16.77 16.25
N ILE A 94 -3.31 -17.76 15.36
CA ILE A 94 -2.29 -18.79 14.99
C ILE A 94 -2.21 -18.87 13.47
N ASN A 95 -0.99 -18.87 12.89
CA ASN A 95 -0.80 -19.06 11.43
C ASN A 95 -1.49 -20.36 10.97
N ILE A 96 -2.25 -20.27 9.89
CA ILE A 96 -2.73 -21.49 9.17
C ILE A 96 -1.55 -22.26 8.50
N ILE A 97 -0.42 -21.62 8.15
CA ILE A 97 0.65 -22.28 7.34
C ILE A 97 1.52 -23.19 8.23
N ASP A 98 1.69 -22.88 9.52
CA ASP A 98 2.78 -23.47 10.34
C ASP A 98 2.41 -23.55 11.84
N GLY A 99 1.23 -23.12 12.27
CA GLY A 99 0.81 -23.33 13.66
C GLY A 99 1.54 -22.45 14.62
N ARG A 100 2.17 -21.37 14.14
CA ARG A 100 2.97 -20.51 15.02
C ARG A 100 2.18 -19.23 15.38
N ALA A 101 2.65 -18.54 16.40
CA ALA A 101 2.05 -17.31 16.96
C ALA A 101 2.43 -16.09 16.09
N MET A 102 1.63 -15.05 16.24
CA MET A 102 1.83 -13.75 15.60
C MET A 102 1.66 -12.68 16.66
N LEU A 103 2.68 -11.82 16.73
CA LEU A 103 2.69 -10.63 17.59
C LEU A 103 1.48 -9.75 17.23
N ALA A 104 1.08 -9.68 15.96
CA ALA A 104 -0.02 -8.80 15.52
C ALA A 104 -1.23 -9.06 16.42
N SER A 105 -1.54 -10.34 16.72
CA SER A 105 -2.68 -10.79 17.56
C SER A 105 -2.49 -10.39 19.03
N PHE A 106 -1.31 -10.60 19.60
CA PHE A 106 -0.98 -10.13 20.97
C PHE A 106 -1.24 -8.62 21.07
N LEU A 107 -0.72 -7.82 20.13
CA LEU A 107 -0.90 -6.35 20.14
C LEU A 107 -2.39 -5.95 20.02
N THR A 108 -3.12 -6.52 19.06
CA THR A 108 -4.52 -6.10 18.82
C THR A 108 -5.38 -6.42 20.06
N LEU A 109 -5.21 -7.57 20.71
CA LEU A 109 -6.01 -7.85 21.93
C LEU A 109 -5.55 -6.91 23.07
N THR A 110 -4.28 -6.96 23.45
CA THR A 110 -3.80 -6.46 24.77
C THR A 110 -3.45 -4.96 24.70
N ILE A 111 -3.38 -4.36 23.53
CA ILE A 111 -3.13 -2.89 23.44
C ILE A 111 -3.72 -2.34 22.12
N GLY A 112 -4.87 -2.88 21.73
CA GLY A 112 -5.51 -2.57 20.43
C GLY A 112 -6.67 -1.59 20.60
N ASN A 113 -7.89 -2.10 20.44
CA ASN A 113 -9.17 -1.39 20.68
C ASN A 113 -9.13 -0.64 22.02
N ASN A 114 -8.53 -1.24 23.06
CA ASN A 114 -8.55 -0.73 24.45
C ASN A 114 -7.88 0.65 24.53
N GLN A 115 -7.19 1.12 23.47
CA GLN A 115 -6.51 2.43 23.49
C GLN A 115 -7.41 3.56 22.95
N GLY A 116 -8.62 3.24 22.52
CA GLY A 116 -9.56 4.27 22.02
C GLY A 116 -10.78 4.48 22.91
N MET A 117 -10.86 3.81 24.07
CA MET A 117 -12.08 3.74 24.93
C MET A 117 -12.35 5.10 25.60
N GLY A 118 -13.60 5.57 25.54
CA GLY A 118 -13.99 6.91 26.02
C GLY A 118 -13.98 7.02 27.54
N ASP A 119 -14.17 5.91 28.25
CA ASP A 119 -14.30 5.87 29.74
C ASP A 119 -12.90 5.79 30.38
N ILE A 120 -11.84 5.73 29.58
CA ILE A 120 -10.45 5.56 30.09
C ILE A 120 -9.68 6.83 29.73
N GLU A 121 -9.11 7.51 30.71
CA GLU A 121 -8.24 8.68 30.44
C GLU A 121 -6.96 8.19 29.72
N TYR A 122 -6.34 7.13 30.25
CA TYR A 122 -5.12 6.52 29.66
C TYR A 122 -4.89 5.11 30.19
N ALA A 123 -4.27 4.25 29.37
CA ALA A 123 -3.79 2.91 29.81
C ALA A 123 -2.53 2.57 29.03
N LYS A 124 -1.49 2.16 29.76
CA LYS A 124 -0.14 1.87 29.19
C LYS A 124 0.32 0.50 29.70
N MET A 125 0.74 -0.39 28.80
CA MET A 125 1.25 -1.71 29.23
C MET A 125 2.67 -1.49 29.80
N LEU A 126 2.93 -2.03 30.98
CA LEU A 126 4.23 -1.91 31.70
C LEU A 126 4.99 -3.23 31.64
N ASP A 127 4.29 -4.36 31.49
CA ASP A 127 4.91 -5.72 31.46
C ASP A 127 3.88 -6.73 30.97
N PHE A 128 4.36 -7.89 30.56
CA PHE A 128 3.49 -9.03 30.23
C PHE A 128 4.25 -10.31 30.51
N TYR A 129 3.48 -11.39 30.57
CA TYR A 129 3.96 -12.74 30.90
C TYR A 129 3.42 -13.68 29.83
N MET A 130 4.28 -14.47 29.25
CA MET A 130 3.76 -15.45 28.25
C MET A 130 4.11 -16.81 28.80
N PRO A 131 3.13 -17.72 28.92
CA PRO A 131 3.38 -19.04 29.46
C PRO A 131 4.03 -19.90 28.36
N PRO A 132 4.69 -21.00 28.79
CA PRO A 132 5.58 -21.77 27.92
C PRO A 132 4.96 -22.30 26.62
N LYS A 133 3.72 -22.78 26.69
CA LYS A 133 3.00 -23.42 25.54
C LYS A 133 2.71 -22.39 24.44
N TYR A 134 2.62 -21.13 24.79
CA TYR A 134 2.39 -19.99 23.87
C TYR A 134 3.74 -19.38 23.47
N LEU A 135 4.61 -19.12 24.43
CA LEU A 135 5.90 -18.44 24.12
C LEU A 135 6.63 -19.22 23.03
N ARG A 136 6.59 -20.56 23.10
CA ARG A 136 7.42 -21.44 22.24
C ARG A 136 6.87 -21.44 20.82
N LEU A 137 5.69 -20.84 20.60
CA LEU A 137 5.13 -20.68 19.25
C LEU A 137 5.69 -19.44 18.53
N TYR A 138 6.48 -18.63 19.18
CA TYR A 138 7.17 -17.45 18.54
C TYR A 138 8.51 -17.89 17.91
N ASP A 139 8.89 -17.26 16.79
CA ASP A 139 10.13 -17.56 16.02
C ASP A 139 11.34 -17.45 16.96
N GLY A 140 11.37 -16.42 17.78
CA GLY A 140 12.62 -16.10 18.49
C GLY A 140 13.73 -15.83 17.49
N PRO A 141 14.88 -15.33 17.97
CA PRO A 141 16.03 -15.07 17.11
C PRO A 141 16.69 -16.38 16.64
N ALA A 142 17.33 -16.35 15.47
CA ALA A 142 18.13 -17.42 14.86
C ALA A 142 19.63 -17.08 14.93
N VAL A 143 19.97 -15.77 15.09
CA VAL A 143 21.33 -15.16 15.02
C VAL A 143 21.43 -14.15 16.16
N ASN A 144 22.63 -13.94 16.73
CA ASN A 144 22.89 -12.81 17.63
C ASN A 144 24.38 -12.43 17.59
N ILE A 145 24.87 -11.71 18.60
CA ILE A 145 26.30 -11.29 18.72
C ILE A 145 27.24 -12.50 18.65
N GLN A 146 26.83 -13.68 19.11
CA GLN A 146 27.68 -14.90 19.03
C GLN A 146 28.19 -15.11 17.60
N ASP A 147 27.30 -14.93 16.62
CA ASP A 147 27.59 -15.09 15.17
C ASP A 147 28.57 -14.01 14.66
N MET A 148 28.53 -12.82 15.24
CA MET A 148 29.48 -11.73 14.94
C MET A 148 30.85 -12.04 15.60
N TRP A 149 30.86 -12.44 16.86
CA TRP A 149 32.09 -12.90 17.54
C TRP A 149 32.75 -13.94 16.66
N ARG A 150 31.99 -14.93 16.19
CA ARG A 150 32.48 -16.05 15.35
C ARG A 150 33.19 -15.50 14.10
N ILE A 151 32.58 -14.52 13.44
CA ILE A 151 33.15 -13.91 12.21
C ILE A 151 34.46 -13.22 12.56
N LEU A 152 34.50 -12.53 13.69
CA LEU A 152 35.65 -11.68 14.10
C LEU A 152 36.77 -12.52 14.71
N GLY A 153 36.49 -13.77 15.11
CA GLY A 153 37.52 -14.68 15.65
C GLY A 153 37.71 -14.45 17.13
N ARG A 154 36.70 -13.88 17.78
CA ARG A 154 36.67 -13.61 19.23
C ARG A 154 35.92 -14.76 19.90
N PRO A 155 36.08 -14.93 21.23
CA PRO A 155 35.41 -16.02 21.95
C PRO A 155 33.90 -16.05 21.73
N ILE A 156 33.38 -17.26 21.65
CA ILE A 156 31.93 -17.49 21.40
C ILE A 156 31.14 -17.18 22.67
N GLU A 157 31.76 -17.32 23.85
CA GLU A 157 31.21 -16.85 25.16
C GLU A 157 31.95 -15.58 25.57
N ASN A 158 31.24 -14.52 25.96
CA ASN A 158 31.88 -13.27 26.42
C ASN A 158 32.95 -12.83 25.43
N GLY A 159 32.61 -12.76 24.14
CA GLY A 159 33.49 -12.22 23.10
C GLY A 159 33.66 -10.72 23.21
N GLY A 160 32.86 -10.04 24.03
CA GLY A 160 33.03 -8.64 24.36
C GLY A 160 32.48 -7.69 23.31
N TYR A 161 33.09 -6.51 23.27
CA TYR A 161 32.47 -5.26 22.78
C TYR A 161 32.72 -5.19 21.27
N ILE A 162 31.68 -4.80 20.55
CA ILE A 162 31.80 -4.61 19.09
C ILE A 162 31.70 -3.11 18.85
N ALA A 163 32.80 -2.56 18.33
CA ALA A 163 33.03 -1.12 18.06
C ALA A 163 32.31 -0.76 16.76
N GLY A 164 31.19 -0.05 16.84
CA GLY A 164 30.44 0.34 15.65
C GLY A 164 30.19 1.84 15.55
N THR A 165 29.70 2.27 14.40
CA THR A 165 29.28 3.67 14.17
C THR A 165 28.18 3.76 13.11
N ILE A 166 27.55 4.91 13.09
CA ILE A 166 26.87 5.46 11.90
C ILE A 166 27.89 6.43 11.28
N ILE A 167 27.95 6.48 9.95
CA ILE A 167 28.78 7.45 9.19
C ILE A 167 28.12 8.82 9.31
N LYS A 168 28.89 9.88 9.55
CA LYS A 168 28.37 11.29 9.55
C LYS A 168 28.85 11.98 8.28
N PRO A 169 28.04 12.86 7.65
CA PRO A 169 26.66 13.08 8.04
C PRO A 169 25.79 11.81 7.85
N LYS A 170 24.66 11.75 8.54
CA LYS A 170 23.88 10.50 8.76
C LYS A 170 23.10 10.14 7.48
N LEU A 171 22.55 11.15 6.79
CA LEU A 171 21.97 11.10 5.43
C LEU A 171 22.62 12.23 4.64
N GLY A 172 22.87 12.03 3.34
CA GLY A 172 23.28 13.11 2.42
C GLY A 172 24.57 12.80 1.67
N LEU A 173 25.43 11.91 2.19
CA LEU A 173 26.70 11.60 1.50
C LEU A 173 26.39 10.90 0.18
N ARG A 174 27.03 11.35 -0.89
CA ARG A 174 27.02 10.70 -2.20
C ARG A 174 27.65 9.31 -2.02
N PRO A 175 27.49 8.39 -3.00
CA PRO A 175 28.02 7.03 -2.86
C PRO A 175 29.51 6.95 -2.50
N GLU A 176 30.35 7.74 -3.18
CA GLU A 176 31.83 7.63 -3.15
C GLU A 176 32.34 8.14 -1.80
N PRO A 177 31.90 9.30 -1.30
CA PRO A 177 32.25 9.76 0.04
C PRO A 177 31.72 8.88 1.19
N PHE A 178 30.57 8.25 1.01
CA PHE A 178 30.05 7.24 1.96
C PHE A 178 31.05 6.09 2.07
N ALA A 179 31.36 5.47 0.93
CA ALA A 179 32.28 4.32 0.88
C ALA A 179 33.65 4.70 1.47
N GLU A 180 34.21 5.88 1.12
CA GLU A 180 35.50 6.34 1.64
C GLU A 180 35.42 6.52 3.18
N ALA A 181 34.34 7.08 3.72
CA ALA A 181 34.21 7.24 5.19
C ALA A 181 34.10 5.85 5.86
N ALA A 182 33.39 4.91 5.23
CA ALA A 182 33.25 3.54 5.79
C ALA A 182 34.63 2.87 5.79
N TYR A 183 35.36 3.01 4.68
CA TYR A 183 36.72 2.42 4.59
C TYR A 183 37.54 2.98 5.78
N GLN A 184 37.56 4.30 5.96
CA GLN A 184 38.39 4.98 7.00
C GLN A 184 37.98 4.42 8.37
N PHE A 185 36.68 4.27 8.63
CA PHE A 185 36.23 3.77 9.95
C PHE A 185 36.74 2.34 10.15
N TRP A 186 36.49 1.46 9.17
CA TRP A 186 36.77 0.01 9.29
C TRP A 186 38.29 -0.23 9.50
N LEU A 187 39.18 0.76 9.26
CA LEU A 187 40.63 0.61 9.56
C LEU A 187 40.78 0.43 11.08
N GLY A 188 39.86 0.95 11.88
CA GLY A 188 39.88 0.80 13.34
C GLY A 188 38.69 0.01 13.89
N GLY A 189 37.47 0.27 13.43
CA GLY A 189 36.26 -0.30 14.05
C GLY A 189 35.79 -1.60 13.41
N ASP A 190 34.74 -2.18 13.99
CA ASP A 190 34.19 -3.50 13.59
C ASP A 190 32.99 -3.35 12.66
N PHE A 191 32.10 -2.43 12.96
CA PHE A 191 30.70 -2.50 12.50
C PHE A 191 30.22 -1.13 12.03
N ILE A 192 29.64 -1.12 10.83
CA ILE A 192 28.94 0.08 10.30
C ILE A 192 27.48 -0.29 10.04
N LYS A 193 26.59 0.61 10.43
CA LYS A 193 25.15 0.54 10.11
C LYS A 193 24.79 1.73 9.25
N ASN A 194 23.96 1.48 8.24
CA ASN A 194 23.19 2.54 7.58
C ASN A 194 22.48 3.35 8.67
N ASP A 195 22.32 4.66 8.47
CA ASP A 195 21.28 5.43 9.19
C ASP A 195 19.92 4.85 8.78
N GLU A 196 18.96 4.76 9.70
CA GLU A 196 17.69 4.00 9.47
C GLU A 196 16.95 4.54 8.25
N PRO A 197 17.04 5.85 7.86
CA PRO A 197 16.32 6.30 6.66
C PRO A 197 17.06 5.93 5.37
N GLN A 198 18.35 5.61 5.50
CA GLN A 198 19.32 5.43 4.37
C GLN A 198 18.93 4.20 3.54
N GLY A 199 18.76 4.33 2.23
CA GLY A 199 18.34 3.19 1.41
C GLY A 199 18.69 3.40 -0.03
N ASN A 200 17.69 3.85 -0.79
CA ASN A 200 17.77 4.11 -2.24
C ASN A 200 17.26 5.54 -2.55
N GLN A 201 17.75 6.53 -1.82
CA GLN A 201 17.47 7.97 -2.10
C GLN A 201 18.10 8.34 -3.44
N PRO A 202 17.48 9.23 -4.21
CA PRO A 202 18.06 9.66 -5.49
C PRO A 202 19.52 10.17 -5.47
N PHE A 203 19.95 10.86 -4.42
CA PHE A 203 21.34 11.41 -4.31
C PHE A 203 22.36 10.33 -3.91
N SER A 204 21.90 9.14 -3.47
CA SER A 204 22.76 7.97 -3.14
C SER A 204 22.04 6.64 -3.46
N PRO A 205 21.83 6.27 -4.75
CA PRO A 205 21.05 5.07 -5.07
C PRO A 205 21.71 3.79 -4.51
N MET A 206 20.88 2.83 -4.08
CA MET A 206 21.33 1.58 -3.44
C MET A 206 22.23 0.79 -4.38
N LYS A 207 21.90 0.72 -5.66
CA LYS A 207 22.68 -0.10 -6.61
C LYS A 207 23.99 0.60 -6.95
N LYS A 208 24.16 1.86 -6.57
CA LYS A 208 25.47 2.53 -6.73
C LYS A 208 26.24 2.36 -5.41
N THR A 209 25.61 2.59 -4.27
CA THR A 209 26.29 2.76 -2.97
C THR A 209 26.72 1.40 -2.44
N ILE A 210 25.85 0.38 -2.50
CA ILE A 210 26.15 -0.91 -1.82
C ILE A 210 27.40 -1.55 -2.42
N PRO A 211 27.58 -1.64 -3.75
CA PRO A 211 28.83 -2.20 -4.29
C PRO A 211 30.10 -1.45 -3.80
N LEU A 212 30.04 -0.14 -3.68
CA LEU A 212 31.22 0.66 -3.20
C LEU A 212 31.46 0.39 -1.70
N VAL A 213 30.40 0.19 -0.93
CA VAL A 213 30.57 -0.15 0.53
C VAL A 213 31.19 -1.54 0.63
N ALA A 214 30.74 -2.54 -0.16
CA ALA A 214 31.32 -3.89 -0.12
C ALA A 214 32.80 -3.82 -0.50
N ASP A 215 33.15 -3.09 -1.56
CA ASP A 215 34.56 -2.84 -1.95
C ASP A 215 35.35 -2.13 -0.84
N ALA A 216 34.78 -1.15 -0.17
CA ALA A 216 35.40 -0.46 0.98
C ALA A 216 35.68 -1.50 2.08
N MET A 217 34.69 -2.34 2.35
CA MET A 217 34.83 -3.32 3.43
C MET A 217 36.00 -4.27 3.08
N ARG A 218 36.07 -4.78 1.85
CA ARG A 218 37.18 -5.68 1.42
C ARG A 218 38.54 -4.97 1.54
N ARG A 219 38.64 -3.72 1.09
CA ARG A 219 39.89 -2.90 1.23
C ARG A 219 40.30 -2.83 2.71
N ALA A 220 39.41 -2.41 3.63
CA ALA A 220 39.72 -2.36 5.07
C ALA A 220 40.12 -3.76 5.58
N GLN A 221 39.47 -4.84 5.11
CA GLN A 221 39.85 -6.22 5.52
C GLN A 221 41.25 -6.57 5.01
N ASP A 222 41.59 -6.23 3.78
CA ASP A 222 42.91 -6.53 3.18
C ASP A 222 44.01 -5.77 3.94
N GLU A 223 43.76 -4.51 4.29
CA GLU A 223 44.77 -3.64 4.96
C GLU A 223 44.94 -3.99 6.44
N THR A 224 43.89 -4.47 7.12
CA THR A 224 43.99 -4.77 8.56
C THR A 224 44.13 -6.27 8.83
N GLY A 225 43.79 -7.14 7.89
CA GLY A 225 43.80 -8.59 8.16
C GLY A 225 42.75 -8.97 9.21
N GLU A 226 41.75 -8.11 9.44
CA GLU A 226 40.62 -8.34 10.37
C GLU A 226 39.32 -8.36 9.56
N ALA A 227 38.35 -9.13 10.04
CA ALA A 227 37.02 -9.21 9.42
C ALA A 227 36.21 -7.97 9.87
N LYS A 228 35.32 -7.52 9.00
CA LYS A 228 34.41 -6.39 9.25
C LYS A 228 32.94 -6.80 9.04
N LEU A 229 32.05 -5.90 9.45
CA LEU A 229 30.59 -6.14 9.55
C LEU A 229 29.91 -4.89 9.03
N PHE A 230 28.82 -5.11 8.30
CA PHE A 230 27.94 -4.06 7.76
C PHE A 230 26.49 -4.46 8.06
N SER A 231 25.68 -3.46 8.42
CA SER A 231 24.23 -3.60 8.65
C SER A 231 23.49 -2.75 7.63
N ALA A 232 22.89 -3.40 6.64
CA ALA A 232 22.24 -2.72 5.50
C ALA A 232 20.74 -2.58 5.76
N ASN A 233 20.23 -1.36 5.59
CA ASN A 233 18.76 -1.08 5.60
C ASN A 233 18.03 -1.80 4.45
N ILE A 234 17.08 -2.68 4.79
CA ILE A 234 16.20 -3.35 3.78
C ILE A 234 14.72 -3.02 4.02
N THR A 235 14.41 -2.10 4.94
CA THR A 235 13.01 -1.68 5.23
C THR A 235 12.33 -1.20 3.95
N ALA A 236 11.09 -1.61 3.74
CA ALA A 236 10.15 -1.04 2.75
C ALA A 236 8.71 -1.37 3.14
N ASP A 237 7.74 -0.81 2.41
CA ASP A 237 6.33 -1.22 2.58
C ASP A 237 6.09 -2.57 1.93
N ASP A 238 6.56 -2.73 0.71
CA ASP A 238 6.31 -3.98 -0.08
C ASP A 238 7.31 -5.06 0.37
N PRO A 239 6.85 -6.24 0.87
CA PRO A 239 7.78 -7.27 1.28
C PRO A 239 8.59 -7.76 0.08
N ALA A 240 8.04 -7.74 -1.13
CA ALA A 240 8.81 -8.05 -2.36
C ALA A 240 10.01 -7.09 -2.50
N GLU A 241 9.87 -5.84 -2.06
CA GLU A 241 10.98 -4.84 -2.14
C GLU A 241 12.00 -5.17 -1.05
N MET A 242 11.54 -5.64 0.13
CA MET A 242 12.48 -5.97 1.25
C MET A 242 13.32 -7.16 0.79
N ILE A 243 12.65 -8.13 0.15
CA ILE A 243 13.32 -9.34 -0.39
C ILE A 243 14.27 -8.93 -1.53
N ALA A 244 13.88 -8.07 -2.45
CA ALA A 244 14.77 -7.59 -3.54
C ALA A 244 16.01 -6.88 -2.94
N ARG A 245 15.81 -6.02 -1.95
CA ARG A 245 16.91 -5.30 -1.30
C ARG A 245 17.86 -6.33 -0.67
N GLY A 246 17.30 -7.31 0.03
CA GLY A 246 18.07 -8.33 0.77
C GLY A 246 18.91 -9.14 -0.19
N GLU A 247 18.28 -9.66 -1.26
CA GLU A 247 18.99 -10.42 -2.29
C GLU A 247 20.04 -9.55 -2.98
N PHE A 248 19.74 -8.31 -3.34
CA PHE A 248 20.76 -7.45 -3.99
C PHE A 248 21.98 -7.29 -3.08
N VAL A 249 21.75 -7.00 -1.80
CA VAL A 249 22.87 -6.80 -0.84
C VAL A 249 23.71 -8.09 -0.73
N LEU A 250 23.09 -9.27 -0.59
CA LEU A 250 23.82 -10.54 -0.43
C LEU A 250 24.57 -10.85 -1.72
N GLU A 251 23.94 -10.67 -2.88
CA GLU A 251 24.62 -10.87 -4.19
C GLU A 251 25.84 -9.95 -4.25
N THR A 252 25.73 -8.70 -3.82
CA THR A 252 26.79 -7.67 -3.98
C THR A 252 27.96 -8.01 -3.05
N PHE A 253 27.67 -8.42 -1.82
CA PHE A 253 28.72 -8.70 -0.83
C PHE A 253 29.37 -10.03 -1.19
N GLY A 254 28.69 -10.91 -1.95
CA GLY A 254 29.33 -12.09 -2.56
C GLY A 254 29.92 -12.97 -1.47
N PHE A 255 31.23 -13.21 -1.49
CA PHE A 255 31.96 -14.07 -0.51
C PHE A 255 31.88 -13.53 0.93
N GLU A 256 31.54 -12.25 1.10
CA GLU A 256 31.37 -11.65 2.45
C GLU A 256 29.89 -11.60 2.83
N ALA A 257 28.97 -12.25 2.09
CA ALA A 257 27.51 -12.11 2.32
C ALA A 257 27.18 -12.49 3.78
N SER A 258 27.97 -13.37 4.38
CA SER A 258 27.70 -13.88 5.77
C SER A 258 27.92 -12.77 6.82
N GLN A 259 28.62 -11.71 6.43
CA GLN A 259 29.07 -10.59 7.30
C GLN A 259 28.11 -9.40 7.21
N VAL A 260 26.98 -9.53 6.51
CA VAL A 260 25.93 -8.49 6.35
C VAL A 260 24.80 -8.74 7.34
N ALA A 261 24.48 -7.73 8.15
CA ALA A 261 23.27 -7.67 8.98
C ALA A 261 22.19 -6.93 8.18
N PHE A 262 20.94 -7.32 8.36
CA PHE A 262 19.75 -6.64 7.77
C PHE A 262 19.08 -5.79 8.85
N LEU A 263 19.05 -4.49 8.57
CA LEU A 263 18.47 -3.41 9.41
C LEU A 263 17.02 -3.24 8.97
N VAL A 264 16.11 -3.29 9.95
CA VAL A 264 14.64 -3.15 9.78
C VAL A 264 14.18 -2.09 10.82
N ASP A 265 13.49 -1.06 10.32
CA ASP A 265 12.74 -0.07 11.15
C ASP A 265 11.42 -0.68 11.57
N GLY A 266 11.44 -1.53 12.60
CA GLY A 266 10.31 -2.39 12.90
C GLY A 266 9.25 -1.68 13.69
N TYR A 267 9.51 -0.49 14.23
CA TYR A 267 8.44 0.27 14.91
C TYR A 267 7.59 0.97 13.85
N VAL A 268 8.18 1.77 12.95
CA VAL A 268 7.38 2.51 11.93
C VAL A 268 6.91 1.58 10.82
N ALA A 269 7.72 0.63 10.36
CA ALA A 269 7.29 -0.34 9.32
C ALA A 269 6.39 -1.43 9.93
N GLY A 270 6.68 -1.82 11.18
CA GLY A 270 5.83 -2.71 12.01
C GLY A 270 6.29 -4.17 12.03
N PRO A 271 5.63 -5.03 12.84
CA PRO A 271 6.07 -6.41 13.01
C PRO A 271 6.12 -7.25 11.73
N THR A 272 5.25 -6.97 10.77
CA THR A 272 5.19 -7.71 9.49
C THR A 272 6.49 -7.47 8.70
N ALA A 273 7.05 -6.24 8.73
CA ALA A 273 8.33 -5.95 8.06
C ALA A 273 9.41 -6.79 8.75
N VAL A 274 9.36 -6.85 10.08
CA VAL A 274 10.40 -7.59 10.89
C VAL A 274 10.31 -9.09 10.59
N ALA A 275 9.09 -9.66 10.55
CA ALA A 275 8.87 -11.09 10.26
C ALA A 275 9.33 -11.37 8.83
N THR A 276 9.13 -10.42 7.91
CA THR A 276 9.62 -10.56 6.51
C THR A 276 11.12 -10.88 6.52
N ALA A 277 11.93 -10.13 7.27
CA ALA A 277 13.39 -10.30 7.34
C ALA A 277 13.71 -11.59 8.12
N ARG A 278 13.05 -11.79 9.25
CA ARG A 278 13.26 -12.97 10.09
C ARG A 278 13.00 -14.25 9.30
N ARG A 279 11.94 -14.28 8.49
CA ARG A 279 11.50 -15.56 7.86
C ARG A 279 12.11 -15.71 6.47
N ASN A 280 12.44 -14.63 5.78
CA ASN A 280 13.10 -14.80 4.47
C ASN A 280 14.62 -14.88 4.60
N PHE A 281 15.21 -14.30 5.66
CA PHE A 281 16.68 -14.16 5.79
C PHE A 281 17.10 -14.52 7.21
N PRO A 282 16.74 -15.72 7.67
CA PRO A 282 17.05 -16.13 9.04
C PRO A 282 18.55 -16.32 9.32
N ASN A 283 19.34 -16.54 8.26
CA ASN A 283 20.79 -16.79 8.37
C ASN A 283 21.49 -15.43 8.38
N GLN A 284 20.77 -14.31 8.38
CA GLN A 284 21.44 -12.97 8.50
C GLN A 284 20.97 -12.29 9.80
N PHE A 285 21.91 -11.72 10.53
CA PHE A 285 21.67 -10.88 11.72
C PHE A 285 20.58 -9.85 11.38
N LEU A 286 19.51 -9.93 12.15
CA LEU A 286 18.34 -9.04 12.04
C LEU A 286 18.52 -7.93 13.12
N HIS A 287 18.92 -6.78 12.62
CA HIS A 287 19.19 -5.57 13.41
C HIS A 287 17.89 -4.77 13.47
N PHE A 288 17.26 -4.75 14.64
CA PHE A 288 15.98 -4.06 14.82
C PHE A 288 16.25 -2.60 15.16
N HIS A 289 15.83 -1.73 14.28
CA HIS A 289 15.90 -0.26 14.49
C HIS A 289 14.54 0.20 14.96
N ARG A 290 14.48 1.01 16.03
CA ARG A 290 13.17 1.35 16.66
C ARG A 290 12.70 2.79 16.40
N ALA A 291 13.33 3.50 15.47
CA ALA A 291 12.92 4.88 15.13
C ALA A 291 11.40 5.03 15.25
N GLY A 292 10.98 6.08 15.97
CA GLY A 292 9.56 6.42 16.13
C GLY A 292 8.97 5.87 17.43
N HIS A 293 9.68 4.97 18.14
CA HIS A 293 9.08 4.23 19.30
C HIS A 293 8.73 5.18 20.43
N GLY A 294 9.43 6.29 20.52
CA GLY A 294 9.25 7.27 21.59
C GLY A 294 7.85 7.85 21.56
N ALA A 295 7.16 7.81 20.41
CA ALA A 295 5.77 8.35 20.33
C ALA A 295 4.88 7.68 21.40
N VAL A 296 5.18 6.45 21.81
CA VAL A 296 4.43 5.72 22.88
C VAL A 296 5.32 5.41 24.08
N THR A 297 6.65 5.16 23.91
CA THR A 297 7.45 4.54 25.00
C THR A 297 7.96 5.62 25.97
N SER A 298 8.05 6.88 25.55
CA SER A 298 8.46 8.02 26.41
C SER A 298 7.73 7.92 27.74
N PRO A 299 8.41 8.09 28.89
CA PRO A 299 7.72 8.20 30.17
C PRO A 299 6.66 9.33 30.12
N GLN A 300 6.86 10.32 29.25
CA GLN A 300 5.93 11.46 29.04
C GLN A 300 4.59 10.93 28.52
N SER A 301 4.57 9.82 27.80
CA SER A 301 3.32 9.18 27.33
C SER A 301 2.75 8.30 28.43
N LYS A 302 1.43 8.29 28.56
CA LYS A 302 0.68 7.41 29.50
C LYS A 302 -0.08 6.38 28.70
N ARG A 303 0.25 6.26 27.40
CA ARG A 303 -0.49 5.37 26.47
C ARG A 303 0.46 4.36 25.82
N GLY A 304 -0.12 3.25 25.31
CA GLY A 304 0.60 2.29 24.45
C GLY A 304 1.38 1.31 25.32
N TYR A 305 2.70 1.43 25.33
CA TYR A 305 3.57 0.50 26.10
C TYR A 305 4.95 1.14 26.26
N THR A 306 5.67 0.63 27.26
CA THR A 306 6.98 1.12 27.68
C THR A 306 8.03 0.52 26.77
N ALA A 307 9.23 1.06 26.80
CA ALA A 307 10.39 0.55 26.08
C ALA A 307 10.56 -0.92 26.46
N PHE A 308 10.40 -1.23 27.75
CA PHE A 308 10.64 -2.58 28.31
C PHE A 308 9.77 -3.62 27.59
N VAL A 309 8.50 -3.27 27.44
CA VAL A 309 7.50 -4.11 26.75
C VAL A 309 7.90 -4.19 25.26
N HIS A 310 8.28 -3.07 24.65
CA HIS A 310 8.68 -3.04 23.21
C HIS A 310 9.84 -3.99 22.97
N ILE A 311 10.90 -3.82 23.76
CA ILE A 311 12.19 -4.52 23.58
C ILE A 311 11.98 -6.02 23.87
N LYS A 312 11.17 -6.37 24.86
CA LYS A 312 10.85 -7.78 25.13
C LYS A 312 10.15 -8.42 23.91
N MET A 313 9.23 -7.71 23.27
CA MET A 313 8.46 -8.26 22.13
C MET A 313 9.40 -8.50 20.94
N THR A 314 10.47 -7.67 20.77
CA THR A 314 11.41 -7.79 19.63
C THR A 314 12.14 -9.13 19.68
N ARG A 315 12.41 -9.66 20.87
CA ARG A 315 13.03 -11.01 21.02
C ARG A 315 12.06 -12.02 20.40
N LEU A 316 10.76 -11.93 20.73
CA LEU A 316 9.68 -12.83 20.23
C LEU A 316 9.72 -12.79 18.70
N LEU A 317 9.89 -11.60 18.14
CA LEU A 317 9.88 -11.42 16.65
C LEU A 317 11.13 -12.07 16.02
N GLY A 318 12.21 -12.15 16.78
CA GLY A 318 13.49 -12.79 16.37
C GLY A 318 14.53 -11.76 16.01
N ALA A 319 14.45 -10.54 16.53
CA ALA A 319 15.58 -9.58 16.46
C ALA A 319 16.87 -10.25 16.96
N SER A 320 17.94 -10.11 16.19
CA SER A 320 19.31 -10.59 16.56
C SER A 320 19.92 -9.58 17.54
N GLY A 321 19.63 -8.32 17.30
CA GLY A 321 20.08 -7.22 18.18
C GLY A 321 19.00 -6.16 18.19
N MET A 322 18.78 -5.56 19.35
CA MET A 322 17.75 -4.51 19.53
C MET A 322 18.39 -3.26 20.12
N HIS A 323 18.02 -2.07 19.64
CA HIS A 323 18.54 -0.80 20.21
C HIS A 323 17.88 -0.60 21.57
N VAL A 324 18.64 -0.39 22.63
CA VAL A 324 18.14 -0.24 24.03
C VAL A 324 18.57 1.11 24.64
N GLY A 325 19.37 1.91 23.95
CA GLY A 325 19.80 3.24 24.41
C GLY A 325 21.10 3.17 25.20
N THR A 326 21.19 3.94 26.30
CA THR A 326 22.46 4.31 27.00
C THR A 326 22.47 3.84 28.46
N MET A 327 21.34 3.39 28.98
CA MET A 327 21.14 2.91 30.39
C MET A 327 21.56 3.97 31.43
N GLY A 328 21.28 5.25 31.17
CA GLY A 328 21.53 6.36 32.12
C GLY A 328 22.77 7.19 31.79
N TYR A 329 23.70 6.66 30.97
CA TYR A 329 24.97 7.33 30.61
C TYR A 329 24.80 8.00 29.24
N ASP A 338 17.63 0.41 33.55
CA ASP A 338 17.75 0.20 32.07
C ASP A 338 18.61 -1.04 31.76
N LYS A 339 19.46 -1.51 32.68
CA LYS A 339 20.09 -2.85 32.56
C LYS A 339 19.03 -3.95 32.69
N LEU A 340 17.88 -3.70 33.33
CA LEU A 340 16.80 -4.70 33.48
C LEU A 340 16.26 -5.09 32.09
N ILE A 341 16.17 -4.17 31.16
CA ILE A 341 15.73 -4.41 29.77
C ILE A 341 16.77 -5.31 29.09
N ALA A 342 18.05 -4.96 29.20
CA ALA A 342 19.17 -5.75 28.64
C ALA A 342 19.08 -7.20 29.16
N TYR A 343 18.95 -7.40 30.46
CA TYR A 343 18.89 -8.75 31.07
C TYR A 343 17.69 -9.55 30.51
N MET A 344 16.55 -8.90 30.34
CA MET A 344 15.31 -9.54 29.86
C MET A 344 15.53 -10.03 28.40
N ILE A 345 16.38 -9.38 27.60
CA ILE A 345 16.56 -9.87 26.20
C ILE A 345 17.79 -10.81 26.07
N GLU A 346 18.76 -10.74 27.00
CA GLU A 346 20.06 -11.42 26.78
C GLU A 346 20.21 -12.65 27.69
N ARG A 347 19.29 -12.88 28.62
CA ARG A 347 19.34 -14.02 29.55
C ARG A 347 18.19 -14.99 29.28
N ASP A 348 18.33 -16.16 29.82
CA ASP A 348 17.34 -17.24 29.73
C ASP A 348 16.26 -17.03 30.80
N SER A 349 16.58 -16.33 31.87
CA SER A 349 15.76 -16.23 33.10
C SER A 349 15.88 -14.79 33.63
N ALA A 350 14.78 -14.02 33.69
CA ALA A 350 14.84 -12.56 33.92
C ALA A 350 13.56 -12.06 34.56
N ASP A 351 13.63 -10.85 35.13
CA ASP A 351 12.51 -10.21 35.85
C ASP A 351 12.09 -8.96 35.13
N GLY A 352 10.82 -8.86 34.81
CA GLY A 352 10.21 -7.60 34.40
C GLY A 352 9.82 -6.83 35.65
N PRO A 353 9.28 -5.62 35.47
CA PRO A 353 8.78 -4.84 36.61
C PRO A 353 7.66 -5.58 37.37
N PHE A 354 6.96 -6.51 36.73
CA PHE A 354 5.83 -7.23 37.37
C PHE A 354 5.94 -8.74 37.20
N TYR A 355 6.56 -9.21 36.12
CA TYR A 355 6.53 -10.65 35.78
C TYR A 355 7.93 -11.22 35.65
N HIS A 356 8.13 -12.40 36.24
CA HIS A 356 9.33 -13.22 35.97
C HIS A 356 9.09 -13.96 34.66
N GLN A 357 10.09 -14.01 33.79
CA GLN A 357 9.98 -14.68 32.47
C GLN A 357 11.12 -15.68 32.35
N GLU A 358 10.76 -16.94 32.18
CA GLU A 358 11.65 -18.01 31.68
C GLU A 358 11.50 -18.07 30.14
N TRP A 359 12.62 -18.13 29.44
CA TRP A 359 12.71 -18.12 27.96
C TRP A 359 12.87 -19.53 27.40
N ALA A 360 13.07 -20.53 28.27
CA ALA A 360 13.26 -21.96 27.93
C ALA A 360 14.22 -22.10 26.74
N GLY A 361 15.32 -21.32 26.72
CA GLY A 361 16.44 -21.38 25.75
C GLY A 361 16.08 -20.79 24.41
N MET A 362 15.03 -19.98 24.34
CA MET A 362 14.84 -19.06 23.21
C MET A 362 16.13 -18.21 23.10
N LYS A 363 16.61 -18.03 21.89
CA LYS A 363 17.90 -17.36 21.67
C LYS A 363 17.83 -15.94 22.25
N PRO A 364 18.90 -15.51 22.96
CA PRO A 364 19.10 -14.13 23.30
C PRO A 364 19.04 -13.19 22.10
N THR A 365 18.52 -11.99 22.35
CA THR A 365 18.73 -10.78 21.50
C THR A 365 19.80 -9.91 22.15
N THR A 366 20.72 -9.42 21.34
CA THR A 366 21.85 -8.58 21.78
C THR A 366 21.40 -7.13 21.94
N PRO A 367 21.76 -6.49 23.07
CA PRO A 367 21.60 -5.05 23.21
C PRO A 367 22.58 -4.35 22.27
N ILE A 368 22.06 -3.36 21.57
CA ILE A 368 22.81 -2.37 20.75
C ILE A 368 22.62 -1.02 21.44
N ILE A 369 23.72 -0.48 21.93
CA ILE A 369 23.67 0.77 22.72
C ILE A 369 24.07 1.87 21.75
N SER A 370 23.61 3.09 21.99
CA SER A 370 23.82 4.29 21.13
C SER A 370 23.75 5.55 22.02
N GLY A 371 23.40 6.70 21.45
CA GLY A 371 23.27 7.98 22.16
C GLY A 371 24.58 8.38 22.82
N GLY A 372 25.65 8.47 22.03
CA GLY A 372 26.98 8.95 22.46
C GLY A 372 27.75 7.90 23.24
N MET A 373 28.60 8.38 24.16
CA MET A 373 29.50 7.62 25.08
C MET A 373 30.91 7.51 24.48
N ASN A 374 31.91 7.78 25.32
CA ASN A 374 33.35 7.92 24.94
C ASN A 374 34.15 6.97 25.82
N ALA A 375 35.40 6.69 25.44
CA ALA A 375 36.26 5.64 26.00
C ALA A 375 36.45 5.81 27.51
N LEU A 376 36.39 7.05 28.02
CA LEU A 376 36.63 7.33 29.46
C LEU A 376 35.45 6.82 30.31
N ARG A 377 34.21 6.91 29.82
CA ARG A 377 32.96 6.57 30.58
C ARG A 377 32.52 5.11 30.30
N LEU A 378 33.22 4.40 29.42
CA LEU A 378 32.89 2.99 29.05
C LEU A 378 33.13 2.05 30.24
N PRO A 379 34.28 2.13 30.95
CA PRO A 379 34.53 1.24 32.08
C PRO A 379 33.41 1.28 33.15
N GLY A 380 32.79 2.44 33.39
CA GLY A 380 31.68 2.53 34.35
C GLY A 380 30.40 1.92 33.78
N PHE A 381 30.15 2.12 32.49
CA PHE A 381 29.02 1.48 31.79
C PHE A 381 29.12 -0.04 31.92
N PHE A 382 30.31 -0.62 31.69
CA PHE A 382 30.53 -2.09 31.76
C PHE A 382 30.39 -2.58 33.22
N GLU A 383 30.94 -1.85 34.20
CA GLU A 383 30.81 -2.19 35.63
C GLU A 383 29.33 -2.33 36.00
N ASN A 384 28.48 -1.38 35.60
CA ASN A 384 27.02 -1.41 35.83
C ASN A 384 26.39 -2.62 35.11
N LEU A 385 26.72 -2.83 33.85
CA LEU A 385 26.07 -3.90 33.06
C LEU A 385 26.60 -5.27 33.57
N GLY A 386 27.87 -5.33 34.01
CA GLY A 386 28.55 -6.56 34.46
C GLY A 386 29.19 -7.31 33.29
N HIS A 387 29.19 -6.75 32.09
CA HIS A 387 29.80 -7.35 30.87
C HIS A 387 29.85 -6.28 29.75
N GLY A 388 30.48 -6.60 28.62
CA GLY A 388 30.52 -5.71 27.45
C GLY A 388 30.10 -6.45 26.20
N ASN A 389 29.26 -7.45 26.35
CA ASN A 389 28.74 -8.29 25.23
C ASN A 389 27.62 -7.50 24.53
N VAL A 390 28.00 -6.44 23.80
CA VAL A 390 27.04 -5.44 23.24
C VAL A 390 27.66 -4.93 21.96
N ILE A 391 26.81 -4.47 21.06
CA ILE A 391 27.21 -3.66 19.87
C ILE A 391 26.96 -2.20 20.18
N ASN A 392 28.00 -1.39 20.02
CA ASN A 392 27.92 0.07 20.27
C ASN A 392 27.96 0.79 18.93
N THR A 393 26.92 1.55 18.59
CA THR A 393 26.94 2.46 17.41
C THR A 393 27.17 3.86 17.97
N ALA A 394 28.40 4.14 18.39
CA ALA A 394 28.80 5.37 19.13
C ALA A 394 28.97 6.50 18.13
N GLY A 395 28.30 7.63 18.37
CA GLY A 395 28.55 8.89 17.64
C GLY A 395 29.76 9.59 18.23
N GLY A 396 29.55 10.18 19.43
CA GLY A 396 30.50 11.09 20.11
C GLY A 396 31.83 10.42 20.38
N GLY A 397 31.78 9.15 20.81
CA GLY A 397 32.95 8.34 21.23
C GLY A 397 34.00 8.14 20.14
N THR A 398 33.59 8.08 18.85
CA THR A 398 34.51 7.81 17.71
C THR A 398 34.83 9.13 16.97
N TYR A 399 33.82 9.95 16.66
CA TYR A 399 33.94 11.15 15.80
C TYR A 399 34.39 12.37 16.62
N GLY A 400 34.38 12.23 17.96
CA GLY A 400 35.00 13.18 18.89
C GLY A 400 36.46 12.87 19.19
N HIS A 401 37.04 11.76 18.70
CA HIS A 401 38.46 11.41 18.97
C HIS A 401 39.35 12.36 18.16
N ILE A 402 40.40 12.87 18.79
CA ILE A 402 41.22 13.99 18.24
C ILE A 402 41.89 13.53 16.94
N ASP A 403 42.28 12.25 16.84
CA ASP A 403 43.11 11.74 15.72
C ASP A 403 42.24 11.40 14.52
N SER A 404 41.31 10.45 14.66
CA SER A 404 40.56 9.84 13.54
C SER A 404 39.39 9.03 14.11
N PRO A 405 38.28 8.87 13.37
CA PRO A 405 37.20 7.99 13.82
C PRO A 405 37.70 6.55 14.04
N ALA A 406 38.67 6.12 13.24
CA ALA A 406 39.29 4.79 13.36
C ALA A 406 39.98 4.64 14.75
N ALA A 407 40.80 5.62 15.16
CA ALA A 407 41.51 5.65 16.46
C ALA A 407 40.48 5.75 17.58
N GLY A 408 39.38 6.43 17.31
CA GLY A 408 38.24 6.54 18.24
C GLY A 408 37.63 5.17 18.53
N ALA A 409 37.41 4.36 17.49
CA ALA A 409 36.84 3.00 17.64
C ALA A 409 37.85 2.12 18.37
N VAL A 410 39.12 2.23 18.03
CA VAL A 410 40.22 1.50 18.75
C VAL A 410 40.24 1.93 20.23
N SER A 411 40.05 3.23 20.55
CA SER A 411 40.08 3.66 21.97
C SER A 411 38.90 3.03 22.71
N LEU A 412 37.76 2.84 22.04
CA LEU A 412 36.55 2.23 22.66
C LEU A 412 36.82 0.75 22.95
N ARG A 413 37.33 -0.01 21.99
CA ARG A 413 37.71 -1.44 22.18
C ARG A 413 38.73 -1.56 23.30
N GLN A 414 39.72 -0.67 23.31
CA GLN A 414 40.81 -0.64 24.33
C GLN A 414 40.19 -0.36 25.70
N ALA A 415 39.20 0.54 25.79
CA ALA A 415 38.47 0.80 27.05
C ALA A 415 37.77 -0.50 27.49
N TYR A 416 37.20 -1.27 26.57
CA TYR A 416 36.62 -2.57 26.96
C TYR A 416 37.71 -3.52 27.46
N GLU A 417 38.83 -3.61 26.74
CA GLU A 417 39.91 -4.60 27.04
C GLU A 417 40.52 -4.26 28.40
N CYS A 418 40.72 -2.97 28.68
CA CYS A 418 41.20 -2.40 29.97
C CYS A 418 40.30 -2.87 31.11
N TRP A 419 38.98 -2.62 31.00
CA TRP A 419 37.91 -3.06 31.94
C TRP A 419 37.98 -4.58 32.16
N LYS A 420 38.00 -5.39 31.10
CA LYS A 420 37.99 -6.87 31.15
C LYS A 420 39.23 -7.37 31.92
N GLU A 421 40.37 -6.70 31.76
CA GLU A 421 41.68 -7.01 32.40
C GLU A 421 41.65 -6.58 33.86
N GLY A 422 40.81 -5.59 34.19
CA GLY A 422 40.75 -4.96 35.52
C GLY A 422 41.89 -3.96 35.72
N ALA A 423 42.60 -3.61 34.65
CA ALA A 423 43.71 -2.62 34.68
C ALA A 423 43.16 -1.28 35.17
N ASP A 424 44.06 -0.38 35.57
CA ASP A 424 43.71 1.01 35.93
C ASP A 424 43.72 1.81 34.63
N PRO A 425 42.63 2.53 34.27
CA PRO A 425 42.57 3.19 32.97
C PRO A 425 43.84 4.02 32.71
N VAL A 426 44.22 4.90 33.63
CA VAL A 426 45.36 5.85 33.45
C VAL A 426 46.64 5.03 33.22
N GLU A 427 46.88 4.01 34.03
CA GLU A 427 48.02 3.07 33.84
C GLU A 427 47.89 2.42 32.46
N TYR A 428 46.68 1.99 32.08
CA TYR A 428 46.44 1.32 30.78
C TYR A 428 46.83 2.27 29.62
N ALA A 429 46.61 3.58 29.76
CA ALA A 429 46.83 4.61 28.71
C ALA A 429 48.30 4.66 28.26
N LYS A 430 49.23 4.25 29.13
CA LYS A 430 50.69 4.42 28.92
C LYS A 430 51.12 3.50 27.78
N GLU A 431 50.40 2.40 27.59
CA GLU A 431 50.72 1.33 26.62
C GLU A 431 49.80 1.43 25.40
N HIS A 432 48.80 2.31 25.42
CA HIS A 432 47.68 2.33 24.42
C HIS A 432 47.38 3.77 23.99
N LYS A 433 47.96 4.15 22.84
CA LYS A 433 48.00 5.55 22.36
C LYS A 433 46.58 6.02 22.06
N GLU A 434 45.76 5.18 21.44
CA GLU A 434 44.37 5.58 21.07
C GLU A 434 43.62 5.90 22.35
N PHE A 435 43.77 5.08 23.39
CA PHE A 435 43.05 5.29 24.67
C PHE A 435 43.65 6.53 25.37
N ALA A 436 44.99 6.64 25.45
CA ALA A 436 45.67 7.89 25.89
C ALA A 436 45.03 9.13 25.23
N ARG A 437 44.93 9.14 23.90
CA ARG A 437 44.50 10.34 23.13
C ARG A 437 43.01 10.60 23.33
N ALA A 438 42.27 9.62 23.87
CA ALA A 438 40.88 9.83 24.36
C ALA A 438 40.91 10.85 25.52
N PHE A 439 41.86 10.72 26.44
CA PHE A 439 42.03 11.70 27.56
C PHE A 439 42.10 13.10 26.94
N GLU A 440 43.00 13.29 25.98
CA GLU A 440 43.24 14.62 25.37
C GLU A 440 42.04 15.02 24.49
N SER A 441 41.16 14.07 24.14
CA SER A 441 39.98 14.33 23.26
C SER A 441 38.83 14.90 24.10
N PHE A 442 38.65 14.40 25.32
CA PHE A 442 37.50 14.70 26.21
C PHE A 442 38.07 15.10 27.56
N PRO A 443 38.77 16.26 27.62
CA PRO A 443 39.59 16.59 28.78
C PRO A 443 38.74 16.93 30.01
N HIS A 444 37.51 17.40 29.79
CA HIS A 444 36.56 17.76 30.88
C HIS A 444 35.82 16.51 31.37
N ASP A 445 35.72 15.47 30.54
CA ASP A 445 35.35 14.11 31.03
C ASP A 445 36.54 13.52 31.78
N ALA A 446 37.78 13.76 31.31
CA ALA A 446 39.00 13.10 31.84
C ALA A 446 39.27 13.47 33.30
N ASP A 447 39.26 12.45 34.19
CA ASP A 447 39.27 12.55 35.67
C ASP A 447 40.60 13.13 36.16
N ALA A 448 40.55 14.07 37.12
CA ALA A 448 41.67 14.92 37.56
C ALA A 448 42.87 14.07 38.01
N LEU B 3 -37.67 -29.04 -37.68
CA LEU B 3 -36.52 -29.65 -36.94
C LEU B 3 -36.59 -29.26 -35.47
N ASP B 4 -36.39 -30.21 -34.56
CA ASP B 4 -36.41 -29.97 -33.08
C ASP B 4 -35.30 -28.98 -32.71
N GLN B 5 -34.08 -29.13 -33.25
CA GLN B 5 -32.97 -28.21 -32.89
C GLN B 5 -33.36 -26.76 -33.21
N THR B 6 -34.01 -26.52 -34.35
CA THR B 6 -34.41 -25.16 -34.78
C THR B 6 -35.33 -24.57 -33.71
N ASN B 7 -36.27 -25.37 -33.19
CA ASN B 7 -37.26 -24.94 -32.17
C ASN B 7 -36.54 -24.66 -30.84
N ARG B 8 -35.63 -25.55 -30.45
CA ARG B 8 -34.91 -25.54 -29.16
C ARG B 8 -34.01 -24.30 -29.03
N TYR B 9 -33.31 -23.91 -30.11
CA TYR B 9 -32.19 -22.92 -30.03
C TYR B 9 -32.59 -21.59 -30.66
N SER B 10 -33.89 -21.32 -30.86
CA SER B 10 -34.41 -20.01 -31.32
C SER B 10 -35.72 -19.68 -30.61
N ASP B 11 -35.96 -18.42 -30.34
CA ASP B 11 -37.27 -17.92 -29.85
C ASP B 11 -37.37 -16.45 -30.26
N LEU B 12 -37.84 -16.22 -31.49
CA LEU B 12 -37.95 -14.88 -32.11
C LEU B 12 -39.03 -14.05 -31.42
N SER B 13 -39.78 -14.64 -30.49
CA SER B 13 -40.81 -13.93 -29.68
C SER B 13 -40.18 -13.25 -28.47
N LEU B 14 -38.97 -13.61 -28.05
CA LEU B 14 -38.30 -12.91 -26.93
C LEU B 14 -38.11 -11.43 -27.30
N LYS B 15 -38.16 -10.55 -26.30
CA LYS B 15 -37.99 -9.09 -26.50
C LYS B 15 -36.58 -8.74 -26.03
N GLU B 16 -35.86 -7.93 -26.81
CA GLU B 16 -34.47 -7.51 -26.50
C GLU B 16 -34.43 -6.73 -25.18
N ASP B 17 -35.32 -5.75 -25.02
CA ASP B 17 -35.36 -4.86 -23.83
C ASP B 17 -35.50 -5.73 -22.57
N GLU B 18 -36.27 -6.83 -22.66
CA GLU B 18 -36.56 -7.74 -21.53
C GLU B 18 -35.33 -8.63 -21.26
N LEU B 19 -34.71 -9.13 -22.33
CA LEU B 19 -33.43 -9.86 -22.26
C LEU B 19 -32.41 -8.98 -21.55
N ILE B 20 -32.25 -7.72 -21.98
CA ILE B 20 -31.32 -6.73 -21.34
C ILE B 20 -31.74 -6.47 -19.89
N ALA B 21 -33.03 -6.38 -19.62
CA ALA B 21 -33.58 -6.05 -18.28
C ALA B 21 -33.39 -7.21 -17.28
N SER B 22 -33.40 -8.46 -17.74
CA SER B 22 -33.11 -9.64 -16.87
C SER B 22 -31.69 -9.54 -16.28
N GLY B 23 -30.76 -8.88 -16.98
CA GLY B 23 -29.34 -8.84 -16.59
C GLY B 23 -28.72 -10.24 -16.59
N ASP B 24 -29.35 -11.21 -17.25
CA ASP B 24 -29.01 -12.67 -17.20
C ASP B 24 -28.46 -13.17 -18.56
N TYR B 25 -28.25 -12.29 -19.54
CA TYR B 25 -27.80 -12.70 -20.88
C TYR B 25 -26.73 -11.73 -21.36
N VAL B 26 -25.65 -12.28 -21.86
CA VAL B 26 -24.76 -11.61 -22.84
C VAL B 26 -25.45 -11.65 -24.20
N LEU B 27 -25.50 -10.55 -24.95
CA LEU B 27 -26.09 -10.62 -26.31
C LEU B 27 -24.99 -10.33 -27.32
N CYS B 28 -24.99 -11.08 -28.43
CA CYS B 28 -24.09 -10.82 -29.57
C CYS B 28 -24.92 -10.63 -30.84
N ALA B 29 -24.54 -9.64 -31.65
CA ALA B 29 -25.16 -9.35 -32.96
C ALA B 29 -24.18 -9.68 -34.06
N TYR B 30 -24.63 -10.46 -35.05
CA TYR B 30 -23.79 -11.05 -36.11
C TYR B 30 -24.31 -10.65 -37.50
N LEU B 31 -23.37 -10.34 -38.39
CA LEU B 31 -23.53 -10.53 -39.85
C LEU B 31 -23.45 -12.04 -40.06
N MET B 32 -24.44 -12.63 -40.72
CA MET B 32 -24.49 -14.10 -40.98
C MET B 32 -25.15 -14.32 -42.36
N LYS B 33 -24.55 -15.21 -43.16
CA LYS B 33 -25.17 -15.79 -44.39
C LYS B 33 -24.96 -17.31 -44.39
N PRO B 34 -26.06 -18.10 -44.48
CA PRO B 34 -25.96 -19.55 -44.58
C PRO B 34 -25.40 -20.00 -45.94
N LYS B 35 -24.88 -21.22 -46.01
CA LYS B 35 -24.57 -21.89 -47.30
C LYS B 35 -25.87 -21.97 -48.12
N SER B 36 -25.75 -22.00 -49.44
CA SER B 36 -26.85 -22.15 -50.43
C SER B 36 -27.77 -23.31 -50.05
N GLY B 37 -29.09 -23.08 -50.00
CA GLY B 37 -30.11 -24.10 -49.68
C GLY B 37 -30.14 -24.49 -48.21
N TYR B 38 -29.76 -23.56 -47.32
CA TYR B 38 -29.97 -23.65 -45.85
C TYR B 38 -30.85 -22.48 -45.42
N GLY B 39 -31.94 -22.76 -44.72
CA GLY B 39 -32.87 -21.71 -44.24
C GLY B 39 -32.19 -20.87 -43.18
N TYR B 40 -32.51 -19.59 -43.14
CA TYR B 40 -31.83 -18.60 -42.25
C TYR B 40 -32.03 -18.94 -40.77
N LEU B 41 -33.23 -19.33 -40.35
CA LEU B 41 -33.54 -19.58 -38.92
C LEU B 41 -32.87 -20.89 -38.50
N GLU B 42 -32.94 -21.90 -39.37
CA GLU B 42 -32.30 -23.23 -39.12
C GLU B 42 -30.78 -23.04 -38.95
N ALA B 43 -30.13 -22.27 -39.82
CA ALA B 43 -28.68 -22.02 -39.79
C ALA B 43 -28.34 -21.28 -38.49
N ALA B 44 -29.09 -20.22 -38.15
CA ALA B 44 -28.83 -19.41 -36.95
C ALA B 44 -28.98 -20.32 -35.73
N ALA B 45 -30.07 -21.10 -35.66
CA ALA B 45 -30.36 -22.05 -34.55
C ALA B 45 -29.18 -22.97 -34.35
N HIS B 46 -28.67 -23.53 -35.44
CA HIS B 46 -27.49 -24.44 -35.46
C HIS B 46 -26.28 -23.68 -34.93
N PHE B 47 -26.09 -22.41 -35.34
CA PHE B 47 -24.99 -21.52 -34.89
C PHE B 47 -25.09 -21.37 -33.36
N ALA B 48 -26.31 -21.15 -32.85
CA ALA B 48 -26.57 -21.00 -31.40
C ALA B 48 -26.22 -22.31 -30.67
N ALA B 49 -26.63 -23.47 -31.23
CA ALA B 49 -26.33 -24.81 -30.68
C ALA B 49 -24.81 -24.98 -30.54
N GLU B 50 -24.07 -24.83 -31.62
CA GLU B 50 -22.59 -24.99 -31.67
C GLU B 50 -21.88 -23.96 -30.76
N SER B 51 -22.54 -22.83 -30.47
CA SER B 51 -21.99 -21.73 -29.66
C SER B 51 -22.34 -21.90 -28.17
N SER B 52 -22.91 -23.05 -27.77
CA SER B 52 -23.42 -23.27 -26.41
C SER B 52 -23.47 -24.77 -26.11
N THR B 53 -24.65 -25.39 -26.13
CA THR B 53 -24.97 -26.72 -25.52
C THR B 53 -24.80 -27.87 -26.54
N GLY B 54 -24.75 -27.57 -27.85
CA GLY B 54 -24.54 -28.57 -28.92
C GLY B 54 -25.82 -29.30 -29.31
N THR B 55 -26.45 -29.99 -28.34
CA THR B 55 -27.65 -30.88 -28.49
C THR B 55 -28.46 -30.96 -27.19
N VAL B 69 -29.34 -23.06 -19.96
CA VAL B 69 -28.08 -22.42 -20.45
C VAL B 69 -27.91 -22.55 -21.98
N ASP B 70 -28.91 -23.06 -22.72
CA ASP B 70 -28.91 -23.00 -24.22
C ASP B 70 -28.81 -21.53 -24.67
N ALA B 71 -27.99 -21.23 -25.67
CA ALA B 71 -28.01 -19.92 -26.33
C ALA B 71 -29.24 -19.86 -27.24
N LEU B 72 -29.94 -18.72 -27.31
CA LEU B 72 -31.17 -18.54 -28.14
C LEU B 72 -30.98 -17.46 -29.21
N VAL B 73 -31.22 -17.81 -30.46
CA VAL B 73 -31.51 -16.83 -31.54
C VAL B 73 -32.83 -16.16 -31.16
N TYR B 74 -32.80 -14.86 -30.92
CA TYR B 74 -33.95 -14.05 -30.47
C TYR B 74 -34.31 -12.99 -31.52
N GLU B 75 -33.52 -12.86 -32.59
CA GLU B 75 -33.82 -11.88 -33.68
C GLU B 75 -33.05 -12.27 -34.95
N ILE B 76 -33.73 -12.32 -36.08
CA ILE B 76 -33.12 -12.52 -37.43
C ILE B 76 -33.71 -11.52 -38.42
N ASP B 77 -32.95 -11.29 -39.46
CA ASP B 77 -33.32 -10.44 -40.60
C ASP B 77 -32.54 -11.01 -41.77
N GLU B 78 -33.09 -12.08 -42.35
CA GLU B 78 -32.48 -12.85 -43.45
C GLU B 78 -32.02 -11.90 -44.57
N ALA B 79 -32.72 -10.77 -44.77
CA ALA B 79 -32.48 -9.77 -45.84
C ALA B 79 -31.23 -8.92 -45.54
N LYS B 80 -31.06 -8.48 -44.30
CA LYS B 80 -29.89 -7.67 -43.88
C LYS B 80 -28.77 -8.61 -43.38
N GLU B 81 -29.02 -9.93 -43.39
CA GLU B 81 -28.02 -10.97 -43.04
C GLU B 81 -27.66 -10.82 -41.57
N LEU B 82 -28.67 -10.53 -40.73
CA LEU B 82 -28.52 -10.20 -39.28
C LEU B 82 -29.06 -11.33 -38.42
N MET B 83 -28.32 -11.63 -37.36
CA MET B 83 -28.64 -12.70 -36.39
C MET B 83 -28.21 -12.26 -35.00
N LYS B 84 -29.10 -12.39 -34.01
CA LYS B 84 -28.83 -11.90 -32.64
C LYS B 84 -29.12 -13.05 -31.67
N ILE B 85 -28.16 -13.32 -30.78
CA ILE B 85 -28.20 -14.56 -29.96
C ILE B 85 -28.07 -14.13 -28.50
N ALA B 86 -28.90 -14.72 -27.65
CA ALA B 86 -28.89 -14.51 -26.18
C ALA B 86 -28.11 -15.66 -25.55
N TYR B 87 -27.04 -15.35 -24.80
CA TYR B 87 -26.13 -16.33 -24.13
C TYR B 87 -26.33 -16.21 -22.62
N PRO B 88 -27.02 -17.18 -21.97
CA PRO B 88 -27.13 -17.15 -20.51
C PRO B 88 -25.75 -17.01 -19.82
N VAL B 89 -25.68 -16.15 -18.81
CA VAL B 89 -24.38 -15.70 -18.23
C VAL B 89 -23.61 -16.90 -17.68
N ASP B 90 -24.32 -17.96 -17.29
CA ASP B 90 -23.80 -19.18 -16.60
C ASP B 90 -22.99 -20.02 -17.59
N LEU B 91 -23.13 -19.78 -18.89
CA LEU B 91 -22.29 -20.50 -19.87
C LEU B 91 -20.80 -20.15 -19.66
N PHE B 92 -20.48 -18.92 -19.25
CA PHE B 92 -19.11 -18.36 -19.34
C PHE B 92 -18.24 -18.86 -18.19
N ASP B 93 -16.99 -19.22 -18.54
CA ASP B 93 -15.98 -19.78 -17.60
C ASP B 93 -15.61 -18.74 -16.55
N ILE B 94 -15.29 -19.20 -15.34
CA ILE B 94 -14.88 -18.33 -14.18
C ILE B 94 -13.61 -18.90 -13.55
N ASN B 95 -12.63 -18.04 -13.27
CA ASN B 95 -11.38 -18.43 -12.58
C ASN B 95 -11.69 -19.14 -11.26
N ILE B 96 -11.05 -20.27 -11.00
CA ILE B 96 -11.07 -20.88 -9.64
C ILE B 96 -10.31 -20.04 -8.62
N ILE B 97 -9.35 -19.24 -9.03
CA ILE B 97 -8.49 -18.52 -8.04
C ILE B 97 -9.20 -17.30 -7.45
N ASP B 98 -10.06 -16.60 -8.22
CA ASP B 98 -10.55 -15.26 -7.81
C ASP B 98 -12.00 -14.99 -8.22
N GLY B 99 -12.73 -15.95 -8.75
CA GLY B 99 -14.14 -15.81 -9.12
C GLY B 99 -14.36 -14.76 -10.20
N ARG B 100 -13.33 -14.39 -10.97
CA ARG B 100 -13.41 -13.37 -12.04
C ARG B 100 -13.59 -14.02 -13.43
N ALA B 101 -14.03 -13.21 -14.37
CA ALA B 101 -14.32 -13.60 -15.76
C ALA B 101 -13.04 -13.75 -16.55
N MET B 102 -13.13 -14.51 -17.62
CA MET B 102 -12.05 -14.65 -18.62
C MET B 102 -12.62 -14.38 -20.01
N LEU B 103 -11.88 -13.58 -20.77
CA LEU B 103 -12.30 -13.25 -22.14
C LEU B 103 -12.20 -14.49 -23.03
N ALA B 104 -11.30 -15.44 -22.73
CA ALA B 104 -11.10 -16.63 -23.55
C ALA B 104 -12.41 -17.42 -23.64
N SER B 105 -13.19 -17.41 -22.56
CA SER B 105 -14.47 -18.15 -22.53
C SER B 105 -15.46 -17.41 -23.45
N PHE B 106 -15.60 -16.10 -23.29
CA PHE B 106 -16.49 -15.30 -24.15
C PHE B 106 -16.14 -15.58 -25.62
N LEU B 107 -14.86 -15.59 -25.99
CA LEU B 107 -14.44 -15.79 -27.40
C LEU B 107 -14.75 -17.21 -27.84
N THR B 108 -14.40 -18.22 -27.02
CA THR B 108 -14.64 -19.63 -27.42
C THR B 108 -16.14 -19.87 -27.67
N LEU B 109 -17.04 -19.29 -26.88
CA LEU B 109 -18.50 -19.57 -27.05
C LEU B 109 -19.04 -18.74 -28.23
N THR B 110 -18.80 -17.43 -28.23
CA THR B 110 -19.51 -16.47 -29.10
C THR B 110 -18.80 -16.35 -30.46
N ILE B 111 -17.53 -16.73 -30.57
CA ILE B 111 -16.82 -16.67 -31.88
C ILE B 111 -15.76 -17.78 -31.98
N GLY B 112 -16.08 -18.98 -31.49
CA GLY B 112 -15.15 -20.14 -31.53
C GLY B 112 -15.49 -21.12 -32.64
N ASN B 113 -16.04 -22.26 -32.24
CA ASN B 113 -16.43 -23.39 -33.11
C ASN B 113 -17.40 -22.89 -34.21
N ASN B 114 -18.20 -21.86 -33.94
CA ASN B 114 -19.20 -21.34 -34.89
C ASN B 114 -18.53 -20.82 -36.16
N GLN B 115 -17.20 -20.58 -36.15
CA GLN B 115 -16.45 -20.00 -37.31
C GLN B 115 -15.98 -21.07 -38.28
N GLY B 116 -16.27 -22.35 -38.02
CA GLY B 116 -15.82 -23.47 -38.87
C GLY B 116 -16.95 -24.41 -39.23
N MET B 117 -18.19 -23.91 -39.23
CA MET B 117 -19.42 -24.66 -39.59
C MET B 117 -19.56 -24.73 -41.11
N GLY B 118 -19.81 -25.94 -41.60
CA GLY B 118 -19.98 -26.24 -43.04
C GLY B 118 -21.22 -25.60 -43.62
N ASP B 119 -22.27 -25.40 -42.82
CA ASP B 119 -23.58 -24.84 -43.26
C ASP B 119 -23.63 -23.30 -43.10
N ILE B 120 -22.54 -22.62 -42.70
CA ILE B 120 -22.55 -21.13 -42.71
C ILE B 120 -21.50 -20.65 -43.72
N GLU B 121 -21.88 -19.79 -44.67
CA GLU B 121 -20.90 -19.16 -45.59
C GLU B 121 -19.92 -18.31 -44.77
N TYR B 122 -20.44 -17.40 -43.95
CA TYR B 122 -19.65 -16.52 -43.04
C TYR B 122 -20.52 -16.08 -41.86
N ALA B 123 -19.89 -15.71 -40.75
CA ALA B 123 -20.53 -15.04 -39.59
C ALA B 123 -19.49 -14.17 -38.88
N LYS B 124 -19.80 -12.89 -38.65
CA LYS B 124 -18.87 -11.87 -38.09
C LYS B 124 -19.60 -11.11 -36.99
N MET B 125 -19.03 -11.08 -35.78
CA MET B 125 -19.69 -10.38 -34.66
C MET B 125 -19.55 -8.87 -34.90
N LEU B 126 -20.67 -8.16 -34.74
CA LEU B 126 -20.80 -6.72 -34.98
C LEU B 126 -20.91 -5.98 -33.67
N ASP B 127 -21.45 -6.63 -32.65
CA ASP B 127 -21.61 -5.98 -31.34
C ASP B 127 -21.95 -7.04 -30.30
N PHE B 128 -21.78 -6.66 -29.02
CA PHE B 128 -22.07 -7.52 -27.85
C PHE B 128 -22.53 -6.62 -26.71
N TYR B 129 -23.42 -7.17 -25.89
CA TYR B 129 -23.87 -6.57 -24.62
C TYR B 129 -23.43 -7.46 -23.47
N MET B 130 -22.79 -6.89 -22.46
CA MET B 130 -22.56 -7.63 -21.19
C MET B 130 -23.34 -6.93 -20.09
N PRO B 131 -24.16 -7.73 -19.37
CA PRO B 131 -25.01 -7.22 -18.30
C PRO B 131 -24.14 -6.98 -17.08
N PRO B 132 -24.61 -6.19 -16.12
CA PRO B 132 -23.75 -5.66 -15.06
C PRO B 132 -23.11 -6.71 -14.15
N LYS B 133 -23.78 -7.84 -13.86
CA LYS B 133 -23.26 -8.81 -12.87
C LYS B 133 -22.11 -9.63 -13.50
N TYR B 134 -22.05 -9.71 -14.83
CA TYR B 134 -21.00 -10.42 -15.60
C TYR B 134 -19.89 -9.42 -15.95
N LEU B 135 -20.26 -8.25 -16.44
CA LEU B 135 -19.30 -7.18 -16.79
C LEU B 135 -18.36 -6.90 -15.61
N ARG B 136 -18.88 -6.70 -14.38
CA ARG B 136 -18.04 -6.23 -13.26
C ARG B 136 -17.00 -7.31 -12.87
N LEU B 137 -17.13 -8.56 -13.36
CA LEU B 137 -16.19 -9.67 -13.08
C LEU B 137 -14.93 -9.57 -13.94
N TYR B 138 -14.88 -8.70 -14.96
CA TYR B 138 -13.65 -8.42 -15.77
C TYR B 138 -12.72 -7.46 -15.01
N ASP B 139 -11.42 -7.51 -15.29
CA ASP B 139 -10.41 -6.66 -14.62
C ASP B 139 -10.69 -5.19 -14.93
N GLY B 140 -10.89 -4.85 -16.18
CA GLY B 140 -10.89 -3.46 -16.63
C GLY B 140 -9.50 -2.86 -16.46
N PRO B 141 -9.28 -1.63 -16.99
CA PRO B 141 -7.99 -0.97 -16.85
C PRO B 141 -7.78 -0.51 -15.40
N ALA B 142 -6.52 -0.48 -14.98
CA ALA B 142 -6.06 0.11 -13.70
C ALA B 142 -5.43 1.49 -13.98
N VAL B 143 -4.98 1.74 -15.22
CA VAL B 143 -4.20 2.93 -15.64
C VAL B 143 -4.73 3.40 -17.01
N ASN B 144 -4.67 4.70 -17.28
CA ASN B 144 -4.97 5.24 -18.62
C ASN B 144 -4.23 6.58 -18.78
N ILE B 145 -4.67 7.41 -19.73
CA ILE B 145 -4.02 8.71 -20.05
C ILE B 145 -3.99 9.57 -18.79
N GLN B 146 -4.93 9.44 -17.85
CA GLN B 146 -4.88 10.33 -16.66
C GLN B 146 -3.55 10.14 -15.93
N ASP B 147 -3.08 8.90 -15.82
CA ASP B 147 -1.81 8.56 -15.14
C ASP B 147 -0.64 9.24 -15.89
N MET B 148 -0.74 9.42 -17.21
CA MET B 148 0.29 10.07 -18.06
C MET B 148 0.22 11.62 -17.91
N TRP B 149 -0.97 12.21 -17.99
CA TRP B 149 -1.15 13.65 -17.65
C TRP B 149 -0.50 13.91 -16.31
N ARG B 150 -0.78 13.09 -15.30
CA ARG B 150 -0.23 13.29 -13.93
C ARG B 150 1.29 13.39 -13.97
N ILE B 151 1.93 12.48 -14.68
CA ILE B 151 3.42 12.42 -14.78
C ILE B 151 3.89 13.72 -15.47
N LEU B 152 3.15 14.14 -16.50
CA LEU B 152 3.52 15.27 -17.36
C LEU B 152 3.11 16.61 -16.73
N GLY B 153 2.39 16.60 -15.60
CA GLY B 153 2.07 17.86 -14.88
C GLY B 153 0.95 18.61 -15.57
N ARG B 154 0.20 17.90 -16.41
CA ARG B 154 -0.94 18.41 -17.19
C ARG B 154 -2.22 18.16 -16.42
N PRO B 155 -3.34 18.83 -16.77
CA PRO B 155 -4.61 18.63 -16.07
C PRO B 155 -5.01 17.15 -16.06
N ILE B 156 -5.54 16.73 -14.92
CA ILE B 156 -6.01 15.34 -14.68
C ILE B 156 -7.31 15.09 -15.45
N GLU B 157 -8.15 16.12 -15.58
CA GLU B 157 -9.32 16.13 -16.49
C GLU B 157 -8.93 16.89 -17.77
N ASN B 158 -9.19 16.34 -18.95
CA ASN B 158 -8.84 17.00 -20.25
C ASN B 158 -7.40 17.55 -20.23
N GLY B 159 -6.42 16.75 -19.82
CA GLY B 159 -4.99 17.09 -19.95
C GLY B 159 -4.53 17.22 -21.40
N GLY B 160 -5.27 16.65 -22.36
CA GLY B 160 -5.11 16.91 -23.80
C GLY B 160 -4.13 15.96 -24.46
N TYR B 161 -3.49 16.42 -25.53
CA TYR B 161 -2.81 15.58 -26.55
C TYR B 161 -1.44 15.16 -26.03
N ILE B 162 -1.07 13.90 -26.29
CA ILE B 162 0.30 13.37 -26.01
C ILE B 162 0.99 13.18 -27.36
N ALA B 163 2.09 13.92 -27.58
CA ALA B 163 2.92 13.84 -28.81
C ALA B 163 3.88 12.64 -28.68
N GLY B 164 3.65 11.63 -29.52
CA GLY B 164 4.37 10.35 -29.50
C GLY B 164 4.91 10.04 -30.86
N THR B 165 5.66 8.94 -30.98
CA THR B 165 6.27 8.51 -32.24
C THR B 165 6.80 7.10 -32.10
N ILE B 166 7.01 6.47 -33.24
CA ILE B 166 7.97 5.36 -33.42
C ILE B 166 9.25 5.94 -34.04
N ILE B 167 10.43 5.54 -33.56
CA ILE B 167 11.74 5.93 -34.14
C ILE B 167 11.85 5.22 -35.51
N LYS B 168 12.33 5.93 -36.54
CA LYS B 168 12.52 5.44 -37.94
C LYS B 168 14.01 5.20 -38.17
N PRO B 169 14.44 4.12 -38.89
CA PRO B 169 13.52 3.07 -39.34
C PRO B 169 12.94 2.29 -38.16
N LYS B 170 11.73 1.73 -38.36
CA LYS B 170 10.89 1.12 -37.28
C LYS B 170 11.59 -0.11 -36.66
N LEU B 171 12.33 -0.92 -37.44
CA LEU B 171 13.22 -1.99 -36.94
C LEU B 171 14.58 -1.84 -37.62
N GLY B 172 15.67 -2.20 -36.92
CA GLY B 172 16.99 -2.38 -37.55
C GLY B 172 18.07 -1.50 -36.94
N LEU B 173 17.74 -0.35 -36.33
CA LEU B 173 18.79 0.50 -35.67
C LEU B 173 19.55 -0.31 -34.61
N ARG B 174 20.85 -0.13 -34.54
CA ARG B 174 21.67 -0.63 -33.44
C ARG B 174 21.26 0.14 -32.18
N PRO B 175 21.73 -0.26 -30.99
CA PRO B 175 21.30 0.38 -29.74
C PRO B 175 21.64 1.87 -29.67
N GLU B 176 22.87 2.27 -30.01
CA GLU B 176 23.41 3.67 -29.83
C GLU B 176 22.61 4.65 -30.70
N PRO B 177 22.47 4.41 -32.02
CA PRO B 177 21.65 5.24 -32.90
C PRO B 177 20.17 5.35 -32.51
N PHE B 178 19.56 4.25 -32.03
CA PHE B 178 18.17 4.25 -31.51
C PHE B 178 18.07 5.24 -30.34
N ALA B 179 19.01 5.19 -29.41
CA ALA B 179 18.96 6.01 -28.18
C ALA B 179 19.22 7.50 -28.52
N GLU B 180 20.14 7.79 -29.45
CA GLU B 180 20.39 9.16 -29.97
C GLU B 180 19.06 9.68 -30.57
N ALA B 181 18.39 8.92 -31.43
CA ALA B 181 17.10 9.32 -32.06
C ALA B 181 16.05 9.57 -30.98
N ALA B 182 16.02 8.75 -29.93
CA ALA B 182 15.05 8.88 -28.83
C ALA B 182 15.35 10.17 -28.09
N TYR B 183 16.62 10.39 -27.78
CA TYR B 183 17.05 11.64 -27.12
C TYR B 183 16.52 12.83 -27.94
N GLN B 184 16.76 12.80 -29.25
CA GLN B 184 16.48 13.96 -30.15
C GLN B 184 14.98 14.22 -30.12
N PHE B 185 14.19 13.16 -30.23
CA PHE B 185 12.72 13.28 -30.27
C PHE B 185 12.24 13.89 -28.96
N TRP B 186 12.77 13.39 -27.84
CA TRP B 186 12.24 13.76 -26.51
C TRP B 186 12.54 15.23 -26.18
N LEU B 187 13.43 15.89 -26.92
CA LEU B 187 13.65 17.36 -26.75
C LEU B 187 12.38 18.14 -27.13
N GLY B 188 11.52 17.63 -27.98
CA GLY B 188 10.23 18.26 -28.29
C GLY B 188 9.02 17.45 -27.84
N GLY B 189 9.05 16.11 -27.99
CA GLY B 189 7.89 15.22 -27.83
C GLY B 189 7.77 14.63 -26.43
N ASP B 190 6.66 13.95 -26.20
CA ASP B 190 6.34 13.34 -24.88
C ASP B 190 6.64 11.84 -24.83
N PHE B 191 6.27 11.11 -25.89
CA PHE B 191 6.20 9.63 -25.80
C PHE B 191 6.83 8.91 -26.99
N ILE B 192 7.61 7.89 -26.64
CA ILE B 192 8.21 6.95 -27.62
C ILE B 192 7.73 5.55 -27.27
N LYS B 193 7.24 4.84 -28.28
CA LYS B 193 6.95 3.39 -28.21
C LYS B 193 7.97 2.63 -29.03
N ASN B 194 8.35 1.45 -28.56
CA ASN B 194 8.97 0.42 -29.42
C ASN B 194 8.03 0.20 -30.58
N ASP B 195 8.60 -0.16 -31.72
CA ASP B 195 7.82 -0.75 -32.82
C ASP B 195 7.34 -2.11 -32.32
N GLU B 196 6.20 -2.61 -32.80
CA GLU B 196 5.55 -3.80 -32.18
C GLU B 196 6.50 -5.01 -32.19
N PRO B 197 7.40 -5.20 -33.19
CA PRO B 197 8.26 -6.37 -33.20
C PRO B 197 9.59 -6.19 -32.45
N GLN B 198 10.00 -4.93 -32.20
CA GLN B 198 11.27 -4.58 -31.51
C GLN B 198 11.26 -5.19 -30.10
N GLY B 199 12.31 -5.93 -29.72
CA GLY B 199 12.52 -6.44 -28.34
C GLY B 199 13.97 -6.84 -28.07
N ASN B 200 14.31 -8.10 -28.30
CA ASN B 200 15.67 -8.61 -28.05
C ASN B 200 16.22 -9.25 -29.34
N GLN B 201 16.17 -8.55 -30.47
CA GLN B 201 16.81 -9.01 -31.73
C GLN B 201 18.32 -8.99 -31.57
N PRO B 202 19.02 -9.95 -32.21
CA PRO B 202 20.48 -10.01 -32.16
C PRO B 202 21.22 -8.69 -32.46
N PHE B 203 20.72 -7.87 -33.39
CA PHE B 203 21.37 -6.60 -33.83
C PHE B 203 21.06 -5.45 -32.85
N SER B 204 20.01 -5.56 -32.05
CA SER B 204 19.68 -4.59 -30.95
C SER B 204 19.22 -5.31 -29.68
N PRO B 205 20.13 -5.92 -28.89
CA PRO B 205 19.71 -6.72 -27.74
C PRO B 205 19.08 -5.87 -26.63
N MET B 206 18.04 -6.38 -25.99
CA MET B 206 17.26 -5.66 -24.96
C MET B 206 18.19 -5.14 -23.87
N LYS B 207 19.08 -5.99 -23.38
CA LYS B 207 19.91 -5.67 -22.19
C LYS B 207 20.96 -4.62 -22.55
N LYS B 208 21.18 -4.36 -23.85
CA LYS B 208 22.05 -3.26 -24.33
C LYS B 208 21.21 -2.02 -24.64
N THR B 209 20.05 -2.16 -25.31
CA THR B 209 19.27 -1.03 -25.88
C THR B 209 18.57 -0.30 -24.73
N ILE B 210 17.93 -1.01 -23.81
CA ILE B 210 17.01 -0.41 -22.80
C ILE B 210 17.79 0.52 -21.86
N PRO B 211 18.97 0.13 -21.37
CA PRO B 211 19.78 1.05 -20.57
C PRO B 211 20.13 2.36 -21.30
N LEU B 212 20.41 2.26 -22.61
CA LEU B 212 20.78 3.44 -23.42
C LEU B 212 19.53 4.31 -23.59
N VAL B 213 18.35 3.69 -23.74
CA VAL B 213 17.06 4.43 -23.91
C VAL B 213 16.73 5.17 -22.61
N ALA B 214 16.87 4.51 -21.45
CA ALA B 214 16.57 5.13 -20.13
C ALA B 214 17.52 6.33 -19.96
N ASP B 215 18.79 6.13 -20.29
CA ASP B 215 19.80 7.22 -20.24
C ASP B 215 19.42 8.36 -21.21
N ALA B 216 18.98 8.05 -22.43
CA ALA B 216 18.49 9.08 -23.38
C ALA B 216 17.29 9.85 -22.79
N MET B 217 16.38 9.15 -22.14
CA MET B 217 15.19 9.79 -21.53
C MET B 217 15.64 10.76 -20.44
N ARG B 218 16.59 10.36 -19.58
CA ARG B 218 17.03 11.22 -18.46
C ARG B 218 17.75 12.47 -19.04
N ARG B 219 18.57 12.28 -20.06
CA ARG B 219 19.30 13.44 -20.66
C ARG B 219 18.27 14.45 -21.19
N ALA B 220 17.22 14.02 -21.91
CA ALA B 220 16.18 14.93 -22.43
C ALA B 220 15.41 15.59 -21.28
N GLN B 221 15.09 14.86 -20.20
CA GLN B 221 14.43 15.43 -18.99
C GLN B 221 15.32 16.54 -18.40
N ASP B 222 16.60 16.26 -18.17
CA ASP B 222 17.58 17.21 -17.58
C ASP B 222 17.64 18.52 -18.39
N GLU B 223 17.65 18.40 -19.69
CA GLU B 223 17.80 19.57 -20.58
C GLU B 223 16.48 20.31 -20.80
N THR B 224 15.34 19.62 -20.86
CA THR B 224 14.01 20.23 -21.11
C THR B 224 13.32 20.66 -19.80
N GLY B 225 13.74 20.13 -18.64
CA GLY B 225 12.99 20.22 -17.37
C GLY B 225 11.59 19.60 -17.47
N GLU B 226 11.29 18.79 -18.48
CA GLU B 226 9.96 18.14 -18.67
C GLU B 226 10.11 16.63 -18.51
N ALA B 227 9.02 15.97 -18.10
CA ALA B 227 8.99 14.52 -17.91
C ALA B 227 8.74 13.88 -19.27
N LYS B 228 9.26 12.68 -19.49
CA LYS B 228 9.10 11.90 -20.75
C LYS B 228 8.51 10.51 -20.48
N LEU B 229 7.95 9.89 -21.53
CA LEU B 229 7.25 8.58 -21.43
C LEU B 229 7.88 7.64 -22.44
N PHE B 230 8.08 6.38 -22.05
CA PHE B 230 8.52 5.29 -22.94
C PHE B 230 7.54 4.11 -22.83
N SER B 231 7.24 3.49 -23.96
CA SER B 231 6.43 2.25 -24.04
C SER B 231 7.30 1.11 -24.57
N ALA B 232 7.61 0.14 -23.73
CA ALA B 232 8.60 -0.92 -24.00
C ALA B 232 7.86 -2.22 -24.32
N ASN B 233 8.20 -2.87 -25.45
CA ASN B 233 7.63 -4.22 -25.79
C ASN B 233 8.11 -5.30 -24.80
N ILE B 234 7.16 -6.04 -24.22
CA ILE B 234 7.41 -7.19 -23.32
C ILE B 234 6.67 -8.43 -23.83
N THR B 235 6.12 -8.38 -25.05
CA THR B 235 5.47 -9.55 -25.67
C THR B 235 6.44 -10.73 -25.69
N ALA B 236 5.94 -11.92 -25.33
CA ALA B 236 6.62 -13.22 -25.53
C ALA B 236 5.55 -14.33 -25.49
N ASP B 237 5.89 -15.52 -25.94
CA ASP B 237 5.09 -16.76 -25.75
C ASP B 237 5.05 -17.09 -24.25
N ASP B 238 6.22 -17.18 -23.64
CA ASP B 238 6.40 -17.59 -22.23
C ASP B 238 6.10 -16.39 -21.32
N PRO B 239 5.05 -16.50 -20.48
CA PRO B 239 4.73 -15.44 -19.53
C PRO B 239 5.88 -15.14 -18.58
N ALA B 240 6.74 -16.13 -18.30
CA ALA B 240 7.96 -15.95 -17.47
C ALA B 240 8.91 -14.99 -18.19
N GLU B 241 8.99 -15.09 -19.52
CA GLU B 241 9.78 -14.18 -20.37
C GLU B 241 9.14 -12.79 -20.29
N MET B 242 7.81 -12.73 -20.33
CA MET B 242 7.08 -11.46 -20.26
C MET B 242 7.42 -10.76 -18.95
N ILE B 243 7.38 -11.51 -17.85
CA ILE B 243 7.66 -10.97 -16.49
C ILE B 243 9.14 -10.57 -16.42
N ALA B 244 10.07 -11.36 -16.98
CA ALA B 244 11.52 -11.10 -16.92
C ALA B 244 11.80 -9.78 -17.67
N ARG B 245 11.16 -9.59 -18.83
CA ARG B 245 11.27 -8.37 -19.64
C ARG B 245 10.80 -7.16 -18.84
N GLY B 246 9.62 -7.26 -18.26
CA GLY B 246 9.01 -6.17 -17.49
C GLY B 246 9.84 -5.84 -16.29
N GLU B 247 10.27 -6.85 -15.51
CA GLU B 247 11.16 -6.59 -14.35
C GLU B 247 12.43 -5.93 -14.83
N PHE B 248 13.06 -6.38 -15.93
CA PHE B 248 14.34 -5.83 -16.39
C PHE B 248 14.17 -4.34 -16.77
N VAL B 249 13.08 -4.02 -17.49
CA VAL B 249 12.74 -2.64 -17.95
C VAL B 249 12.58 -1.74 -16.71
N LEU B 250 11.82 -2.19 -15.71
CA LEU B 250 11.55 -1.38 -14.48
C LEU B 250 12.83 -1.23 -13.69
N GLU B 251 13.61 -2.29 -13.51
CA GLU B 251 14.89 -2.21 -12.78
C GLU B 251 15.77 -1.16 -13.47
N THR B 252 15.81 -1.17 -14.80
CA THR B 252 16.71 -0.35 -15.63
C THR B 252 16.27 1.11 -15.56
N PHE B 253 14.98 1.39 -15.72
CA PHE B 253 14.44 2.77 -15.67
C PHE B 253 14.56 3.31 -14.26
N GLY B 254 14.66 2.43 -13.25
CA GLY B 254 15.01 2.84 -11.88
C GLY B 254 14.05 3.90 -11.38
N PHE B 255 14.54 5.07 -11.01
CA PHE B 255 13.75 6.21 -10.45
C PHE B 255 12.70 6.68 -11.46
N GLU B 256 12.87 6.40 -12.75
CA GLU B 256 11.82 6.73 -13.75
C GLU B 256 10.89 5.55 -14.05
N ALA B 257 10.90 4.46 -13.26
CA ALA B 257 10.13 3.23 -13.63
C ALA B 257 8.63 3.55 -13.79
N SER B 258 8.09 4.49 -13.01
CA SER B 258 6.64 4.89 -13.05
C SER B 258 6.28 5.43 -14.44
N GLN B 259 7.27 5.82 -15.24
CA GLN B 259 7.07 6.56 -16.52
C GLN B 259 7.19 5.61 -17.71
N VAL B 260 7.18 4.31 -17.45
CA VAL B 260 7.31 3.24 -18.48
C VAL B 260 5.95 2.59 -18.71
N ALA B 261 5.53 2.52 -19.97
CA ALA B 261 4.37 1.73 -20.39
C ALA B 261 4.91 0.37 -20.85
N PHE B 262 4.13 -0.72 -20.67
CA PHE B 262 4.42 -2.05 -21.25
C PHE B 262 3.50 -2.28 -22.44
N LEU B 263 4.13 -2.60 -23.56
CA LEU B 263 3.42 -2.85 -24.83
C LEU B 263 3.28 -4.36 -25.01
N VAL B 264 2.08 -4.77 -25.37
CA VAL B 264 1.77 -6.21 -25.65
C VAL B 264 1.11 -6.28 -27.03
N ASP B 265 1.68 -7.07 -27.94
CA ASP B 265 1.00 -7.41 -29.22
C ASP B 265 -0.18 -8.33 -28.91
N GLY B 266 -1.28 -7.79 -28.39
CA GLY B 266 -2.39 -8.55 -27.80
C GLY B 266 -3.17 -9.35 -28.82
N TYR B 267 -3.14 -9.00 -30.12
CA TYR B 267 -3.91 -9.77 -31.12
C TYR B 267 -3.12 -11.02 -31.51
N VAL B 268 -1.83 -10.90 -31.85
CA VAL B 268 -1.00 -12.07 -32.26
C VAL B 268 -0.64 -12.95 -31.04
N ALA B 269 -0.24 -12.35 -29.92
CA ALA B 269 0.18 -13.09 -28.71
C ALA B 269 -1.05 -13.59 -27.96
N GLY B 270 -2.13 -12.78 -27.99
CA GLY B 270 -3.48 -13.14 -27.55
C GLY B 270 -3.78 -12.64 -26.15
N PRO B 271 -5.03 -12.83 -25.68
CA PRO B 271 -5.48 -12.32 -24.39
C PRO B 271 -4.73 -12.78 -23.14
N THR B 272 -4.24 -14.01 -23.16
CA THR B 272 -3.38 -14.51 -22.06
C THR B 272 -2.12 -13.64 -21.96
N ALA B 273 -1.47 -13.26 -23.06
CA ALA B 273 -0.36 -12.27 -23.00
C ALA B 273 -0.85 -11.00 -22.32
N VAL B 274 -1.98 -10.47 -22.77
CA VAL B 274 -2.48 -9.15 -22.31
C VAL B 274 -2.70 -9.28 -20.80
N ALA B 275 -3.30 -10.40 -20.35
CA ALA B 275 -3.67 -10.54 -18.95
C ALA B 275 -2.41 -10.72 -18.10
N THR B 276 -1.36 -11.35 -18.64
CA THR B 276 -0.15 -11.53 -17.81
C THR B 276 0.42 -10.15 -17.50
N ALA B 277 0.42 -9.23 -18.47
CA ALA B 277 0.90 -7.85 -18.22
C ALA B 277 -0.06 -7.11 -17.25
N ARG B 278 -1.36 -7.27 -17.44
CA ARG B 278 -2.41 -6.54 -16.67
C ARG B 278 -2.41 -6.99 -15.21
N ARG B 279 -2.16 -8.27 -14.93
CA ARG B 279 -2.25 -8.78 -13.56
C ARG B 279 -0.87 -8.78 -12.90
N ASN B 280 0.20 -8.90 -13.66
CA ASN B 280 1.54 -8.89 -13.03
C ASN B 280 2.07 -7.46 -12.94
N PHE B 281 1.66 -6.53 -13.79
CA PHE B 281 2.24 -5.16 -13.81
C PHE B 281 1.11 -4.12 -13.87
N PRO B 282 0.08 -4.23 -12.99
CA PRO B 282 -1.14 -3.39 -13.09
C PRO B 282 -0.87 -1.88 -12.90
N ASN B 283 0.24 -1.58 -12.26
CA ASN B 283 0.65 -0.19 -11.97
C ASN B 283 1.39 0.40 -13.16
N GLN B 284 1.58 -0.36 -14.23
CA GLN B 284 2.24 0.23 -15.45
C GLN B 284 1.19 0.33 -16.56
N PHE B 285 1.19 1.45 -17.26
CA PHE B 285 0.30 1.66 -18.43
C PHE B 285 0.46 0.48 -19.39
N LEU B 286 -0.65 -0.25 -19.65
CA LEU B 286 -0.72 -1.36 -20.60
C LEU B 286 -1.14 -0.81 -21.99
N HIS B 287 -0.18 -0.77 -22.87
CA HIS B 287 -0.28 -0.26 -24.25
C HIS B 287 -0.57 -1.46 -25.13
N PHE B 288 -1.84 -1.64 -25.50
CA PHE B 288 -2.28 -2.72 -26.39
C PHE B 288 -1.98 -2.39 -27.85
N HIS B 289 -1.16 -3.23 -28.45
CA HIS B 289 -0.80 -3.22 -29.89
C HIS B 289 -1.60 -4.28 -30.63
N ARG B 290 -1.99 -3.94 -31.83
CA ARG B 290 -3.08 -4.51 -32.63
C ARG B 290 -2.55 -5.39 -33.76
N ALA B 291 -1.25 -5.31 -34.03
CA ALA B 291 -0.61 -6.05 -35.16
C ALA B 291 -1.39 -7.34 -35.45
N GLY B 292 -1.89 -7.47 -36.68
CA GLY B 292 -2.49 -8.71 -37.19
C GLY B 292 -4.01 -8.71 -37.16
N HIS B 293 -4.61 -7.80 -36.41
CA HIS B 293 -6.08 -7.68 -36.21
C HIS B 293 -6.80 -7.60 -37.55
N GLY B 294 -6.19 -6.93 -38.54
CA GLY B 294 -6.73 -6.76 -39.90
C GLY B 294 -7.13 -8.09 -40.55
N ALA B 295 -6.52 -9.21 -40.15
CA ALA B 295 -6.87 -10.56 -40.62
C ALA B 295 -8.39 -10.81 -40.47
N VAL B 296 -9.03 -10.33 -39.41
CA VAL B 296 -10.51 -10.51 -39.22
C VAL B 296 -11.27 -9.18 -39.23
N THR B 297 -10.66 -8.09 -38.74
CA THR B 297 -11.37 -6.80 -38.49
C THR B 297 -11.60 -6.04 -39.80
N SER B 298 -10.85 -6.33 -40.84
CA SER B 298 -10.96 -5.66 -42.16
C SER B 298 -12.39 -5.74 -42.65
N PRO B 299 -13.01 -4.61 -43.11
CA PRO B 299 -14.32 -4.64 -43.73
C PRO B 299 -14.28 -5.62 -44.91
N GLN B 300 -13.11 -5.90 -45.49
CA GLN B 300 -12.94 -6.92 -46.55
C GLN B 300 -13.28 -8.32 -46.01
N SER B 301 -13.17 -8.54 -44.70
CA SER B 301 -13.49 -9.83 -44.06
C SER B 301 -14.97 -9.87 -43.66
N LYS B 302 -15.60 -11.02 -43.81
CA LYS B 302 -16.97 -11.27 -43.32
C LYS B 302 -16.91 -12.30 -42.18
N ARG B 303 -15.71 -12.55 -41.65
CA ARG B 303 -15.52 -13.54 -40.54
C ARG B 303 -14.94 -12.84 -39.31
N GLY B 304 -15.10 -13.49 -38.16
CA GLY B 304 -14.45 -13.07 -36.91
C GLY B 304 -15.26 -12.01 -36.23
N TYR B 305 -14.67 -10.83 -36.03
CA TYR B 305 -15.34 -9.70 -35.38
C TYR B 305 -14.77 -8.40 -35.97
N THR B 306 -15.49 -7.30 -35.77
CA THR B 306 -15.11 -5.97 -36.28
C THR B 306 -14.07 -5.33 -35.36
N ALA B 307 -13.48 -4.21 -35.83
CA ALA B 307 -12.53 -3.37 -35.08
C ALA B 307 -13.23 -2.83 -33.82
N PHE B 308 -14.47 -2.38 -33.94
CA PHE B 308 -15.30 -1.88 -32.80
C PHE B 308 -15.36 -2.98 -31.72
N VAL B 309 -15.69 -4.22 -32.07
CA VAL B 309 -15.84 -5.34 -31.12
C VAL B 309 -14.45 -5.65 -30.50
N HIS B 310 -13.42 -5.76 -31.32
CA HIS B 310 -12.04 -6.01 -30.82
C HIS B 310 -11.68 -4.97 -29.77
N ILE B 311 -11.87 -3.69 -30.10
CA ILE B 311 -11.44 -2.57 -29.24
C ILE B 311 -12.28 -2.61 -27.96
N LYS B 312 -13.56 -2.94 -28.08
CA LYS B 312 -14.45 -2.96 -26.90
C LYS B 312 -13.89 -4.03 -25.95
N MET B 313 -13.52 -5.20 -26.47
CA MET B 313 -12.96 -6.31 -25.64
C MET B 313 -11.66 -5.87 -24.92
N THR B 314 -10.82 -5.04 -25.54
CA THR B 314 -9.52 -4.65 -24.94
C THR B 314 -9.81 -3.94 -23.62
N ARG B 315 -10.94 -3.22 -23.52
CA ARG B 315 -11.24 -2.46 -22.28
C ARG B 315 -11.50 -3.44 -21.14
N LEU B 316 -12.26 -4.49 -21.42
CA LEU B 316 -12.51 -5.57 -20.42
C LEU B 316 -11.18 -6.19 -19.92
N LEU B 317 -10.26 -6.44 -20.85
CA LEU B 317 -8.95 -7.09 -20.56
C LEU B 317 -8.10 -6.15 -19.71
N GLY B 318 -8.32 -4.86 -19.83
CA GLY B 318 -7.65 -3.87 -18.99
C GLY B 318 -6.59 -3.10 -19.72
N ALA B 319 -6.64 -3.01 -21.04
CA ALA B 319 -5.82 -2.05 -21.82
C ALA B 319 -5.96 -0.64 -21.23
N SER B 320 -4.83 0.03 -21.00
CA SER B 320 -4.76 1.46 -20.58
C SER B 320 -4.97 2.36 -21.80
N GLY B 321 -4.48 1.90 -22.93
CA GLY B 321 -4.56 2.57 -24.24
C GLY B 321 -4.60 1.51 -25.32
N MET B 322 -5.46 1.72 -26.32
CA MET B 322 -5.62 0.78 -27.45
C MET B 322 -5.45 1.51 -28.79
N HIS B 323 -4.72 0.91 -29.72
CA HIS B 323 -4.53 1.43 -31.11
C HIS B 323 -5.88 1.36 -31.83
N VAL B 324 -6.36 2.51 -32.24
CA VAL B 324 -7.73 2.76 -32.76
C VAL B 324 -7.68 3.39 -34.17
N GLY B 325 -6.52 3.68 -34.77
CA GLY B 325 -6.43 4.38 -36.07
C GLY B 325 -6.93 5.83 -35.98
N THR B 326 -8.03 6.19 -36.66
CA THR B 326 -8.63 7.56 -36.62
C THR B 326 -10.15 7.56 -36.43
N LEU B 340 -17.68 7.15 -31.17
CA LEU B 340 -18.17 5.85 -31.72
C LEU B 340 -17.40 4.68 -31.06
N ILE B 341 -16.38 4.13 -31.73
CA ILE B 341 -15.37 3.27 -31.07
C ILE B 341 -14.89 4.06 -29.86
N ALA B 342 -14.35 5.26 -30.09
CA ALA B 342 -13.67 6.08 -29.08
C ALA B 342 -14.59 6.26 -27.87
N TYR B 343 -15.86 6.57 -28.10
CA TYR B 343 -16.82 6.88 -27.03
C TYR B 343 -17.09 5.59 -26.25
N MET B 344 -17.09 4.45 -26.92
CA MET B 344 -17.30 3.15 -26.24
C MET B 344 -16.14 2.84 -25.27
N ILE B 345 -14.90 3.28 -25.57
CA ILE B 345 -13.72 2.96 -24.71
C ILE B 345 -13.47 4.08 -23.71
N GLU B 346 -13.86 5.32 -24.00
CA GLU B 346 -13.48 6.45 -23.11
C GLU B 346 -14.62 6.96 -22.23
N ARG B 347 -15.87 6.61 -22.54
CA ARG B 347 -17.03 7.09 -21.75
C ARG B 347 -17.60 5.96 -20.87
N ASP B 348 -18.38 6.35 -19.86
CA ASP B 348 -19.05 5.44 -18.90
C ASP B 348 -20.32 4.86 -19.54
N SER B 349 -20.79 5.48 -20.60
CA SER B 349 -22.11 5.22 -21.24
C SER B 349 -21.99 5.44 -22.75
N ALA B 350 -22.40 4.48 -23.57
CA ALA B 350 -22.17 4.55 -25.03
C ALA B 350 -23.00 3.53 -25.78
N ASP B 351 -23.08 3.77 -27.09
CA ASP B 351 -23.89 2.99 -28.05
C ASP B 351 -22.95 2.32 -29.03
N GLY B 352 -23.09 1.01 -29.16
CA GLY B 352 -22.47 0.25 -30.24
C GLY B 352 -23.42 0.33 -31.43
N PRO B 353 -23.12 -0.34 -32.54
CA PRO B 353 -24.06 -0.38 -33.67
C PRO B 353 -25.37 -1.12 -33.36
N PHE B 354 -25.44 -1.90 -32.27
CA PHE B 354 -26.67 -2.67 -31.89
C PHE B 354 -27.01 -2.56 -30.41
N TYR B 355 -26.06 -2.31 -29.50
CA TYR B 355 -26.32 -2.35 -28.04
C TYR B 355 -25.79 -1.11 -27.34
N HIS B 356 -26.61 -0.56 -26.46
CA HIS B 356 -26.21 0.46 -25.46
C HIS B 356 -25.41 -0.25 -24.36
N GLN B 357 -24.24 0.26 -23.99
CA GLN B 357 -23.46 -0.31 -22.85
C GLN B 357 -23.26 0.75 -21.75
N GLU B 358 -23.65 0.41 -20.53
CA GLU B 358 -23.22 1.05 -19.28
C GLU B 358 -21.96 0.31 -18.76
N TRP B 359 -20.90 1.05 -18.45
CA TRP B 359 -19.60 0.54 -17.90
C TRP B 359 -19.57 0.56 -16.37
N ALA B 360 -20.54 1.22 -15.72
CA ALA B 360 -20.67 1.29 -14.26
C ALA B 360 -19.32 1.65 -13.64
N GLY B 361 -18.62 2.62 -14.25
CA GLY B 361 -17.41 3.25 -13.69
C GLY B 361 -16.15 2.42 -13.91
N MET B 362 -16.20 1.37 -14.74
CA MET B 362 -15.00 0.70 -15.27
C MET B 362 -14.15 1.78 -15.94
N LYS B 363 -12.85 1.72 -15.69
CA LYS B 363 -11.96 2.82 -16.09
C LYS B 363 -12.00 2.90 -17.62
N PRO B 364 -11.99 4.13 -18.18
CA PRO B 364 -11.80 4.29 -19.62
C PRO B 364 -10.47 3.66 -20.12
N THR B 365 -10.51 3.18 -21.36
CA THR B 365 -9.33 2.86 -22.19
C THR B 365 -9.07 4.07 -23.12
N THR B 366 -7.84 4.56 -23.16
CA THR B 366 -7.40 5.73 -23.99
C THR B 366 -7.19 5.35 -25.44
N PRO B 367 -7.80 6.06 -26.41
CA PRO B 367 -7.44 5.90 -27.82
C PRO B 367 -5.99 6.33 -28.06
N ILE B 368 -5.27 5.46 -28.76
CA ILE B 368 -3.91 5.70 -29.32
C ILE B 368 -4.11 5.80 -30.83
N ILE B 369 -3.92 6.97 -31.41
CA ILE B 369 -4.26 7.18 -32.85
C ILE B 369 -2.98 7.14 -33.68
N SER B 370 -3.13 6.87 -34.98
CA SER B 370 -2.04 6.81 -35.98
C SER B 370 -2.56 7.22 -37.37
N GLY B 371 -2.04 6.61 -38.43
CA GLY B 371 -2.32 7.01 -39.83
C GLY B 371 -1.26 7.96 -40.35
N GLY B 372 -1.46 9.27 -40.19
CA GLY B 372 -0.49 10.29 -40.64
C GLY B 372 -0.98 11.71 -40.46
N MET B 373 -1.42 12.05 -39.25
CA MET B 373 -1.91 13.41 -38.92
C MET B 373 -0.74 14.41 -39.00
N ASN B 374 -1.00 15.60 -39.56
CA ASN B 374 -0.01 16.71 -39.67
C ASN B 374 -0.61 17.95 -38.97
N ALA B 375 0.24 18.77 -38.34
CA ALA B 375 -0.17 19.87 -37.45
C ALA B 375 -1.33 20.66 -38.07
N LEU B 376 -1.42 20.73 -39.39
CA LEU B 376 -2.43 21.60 -40.06
C LEU B 376 -3.78 20.87 -40.13
N ARG B 377 -3.75 19.53 -40.24
CA ARG B 377 -4.96 18.66 -40.37
C ARG B 377 -5.45 18.13 -39.00
N LEU B 378 -4.65 18.27 -37.94
CA LEU B 378 -4.96 17.79 -36.57
C LEU B 378 -6.25 18.43 -36.04
N PRO B 379 -6.46 19.77 -36.18
CA PRO B 379 -7.68 20.41 -35.66
C PRO B 379 -9.00 19.79 -36.19
N GLY B 380 -9.02 19.30 -37.43
CA GLY B 380 -10.21 18.69 -38.03
C GLY B 380 -10.53 17.37 -37.34
N PHE B 381 -9.48 16.60 -37.06
CA PHE B 381 -9.57 15.37 -36.22
C PHE B 381 -10.17 15.74 -34.86
N PHE B 382 -9.63 16.79 -34.21
CA PHE B 382 -10.04 17.16 -32.83
C PHE B 382 -11.49 17.65 -32.80
N GLU B 383 -11.89 18.44 -33.81
CA GLU B 383 -13.28 18.98 -33.90
C GLU B 383 -14.26 17.81 -34.04
N ASN B 384 -13.96 16.88 -34.92
CA ASN B 384 -14.82 15.69 -35.10
C ASN B 384 -14.88 14.86 -33.81
N LEU B 385 -13.76 14.74 -33.08
CA LEU B 385 -13.67 13.87 -31.87
C LEU B 385 -14.28 14.61 -30.68
N GLY B 386 -14.22 15.95 -30.67
CA GLY B 386 -14.77 16.77 -29.57
C GLY B 386 -13.81 16.90 -28.41
N HIS B 387 -12.59 16.37 -28.53
CA HIS B 387 -11.48 16.59 -27.56
C HIS B 387 -10.16 16.11 -28.20
N GLY B 388 -9.03 16.35 -27.54
CA GLY B 388 -7.72 15.81 -27.96
C GLY B 388 -7.09 14.96 -26.88
N ASN B 389 -7.91 14.27 -26.08
CA ASN B 389 -7.44 13.39 -24.97
C ASN B 389 -7.00 12.06 -25.57
N VAL B 390 -5.93 12.09 -26.37
CA VAL B 390 -5.42 10.94 -27.15
C VAL B 390 -3.89 10.89 -27.05
N ILE B 391 -3.36 9.68 -27.24
CA ILE B 391 -1.91 9.49 -27.51
C ILE B 391 -1.75 9.29 -29.01
N ASN B 392 -0.93 10.14 -29.64
CA ASN B 392 -0.61 10.05 -31.10
C ASN B 392 0.79 9.48 -31.25
N THR B 393 0.89 8.35 -31.94
CA THR B 393 2.16 7.75 -32.40
C THR B 393 2.36 8.20 -33.84
N ALA B 394 2.59 9.51 -34.03
CA ALA B 394 2.55 10.21 -35.33
C ALA B 394 3.77 9.85 -36.16
N GLY B 395 3.55 9.43 -37.42
CA GLY B 395 4.59 9.40 -38.46
C GLY B 395 4.62 10.68 -39.27
N GLY B 396 3.50 10.97 -39.96
CA GLY B 396 3.40 12.00 -41.02
C GLY B 396 3.82 13.37 -40.54
N GLY B 397 3.25 13.82 -39.41
CA GLY B 397 3.31 15.21 -38.91
C GLY B 397 4.58 15.54 -38.15
N THR B 398 5.24 14.55 -37.55
CA THR B 398 6.50 14.69 -36.78
C THR B 398 7.68 14.69 -37.78
N TYR B 399 7.98 13.53 -38.36
CA TYR B 399 9.20 13.25 -39.16
C TYR B 399 9.20 14.09 -40.45
N GLY B 400 8.02 14.44 -40.96
CA GLY B 400 7.83 15.30 -42.14
C GLY B 400 7.98 16.79 -41.85
N HIS B 401 8.30 17.19 -40.62
CA HIS B 401 8.65 18.61 -40.31
C HIS B 401 10.01 18.95 -40.94
N ILE B 402 10.22 20.18 -41.41
CA ILE B 402 11.50 20.56 -42.09
C ILE B 402 12.62 20.76 -41.06
N ASP B 403 12.29 21.23 -39.86
CA ASP B 403 13.30 21.54 -38.81
C ASP B 403 13.86 20.23 -38.25
N SER B 404 13.04 19.47 -37.51
CA SER B 404 13.48 18.28 -36.73
C SER B 404 12.26 17.50 -36.26
N PRO B 405 12.38 16.20 -35.96
CA PRO B 405 11.30 15.47 -35.29
C PRO B 405 10.86 16.11 -33.96
N ALA B 406 11.77 16.69 -33.18
CA ALA B 406 11.43 17.42 -31.94
C ALA B 406 10.53 18.64 -32.27
N ALA B 407 10.84 19.36 -33.35
CA ALA B 407 10.04 20.55 -33.77
C ALA B 407 8.67 20.08 -34.26
N GLY B 408 8.63 18.95 -34.96
CA GLY B 408 7.38 18.35 -35.45
C GLY B 408 6.46 17.97 -34.31
N ALA B 409 7.01 17.34 -33.28
CA ALA B 409 6.28 16.93 -32.05
C ALA B 409 5.64 18.18 -31.45
N VAL B 410 6.43 19.26 -31.32
CA VAL B 410 5.98 20.53 -30.68
C VAL B 410 4.85 21.12 -31.53
N SER B 411 4.99 21.09 -32.87
CA SER B 411 3.99 21.67 -33.80
C SER B 411 2.63 20.98 -33.61
N LEU B 412 2.66 19.68 -33.33
CA LEU B 412 1.44 18.86 -33.12
C LEU B 412 0.82 19.27 -31.79
N ARG B 413 1.62 19.49 -30.76
CA ARG B 413 1.15 19.94 -29.43
C ARG B 413 0.57 21.34 -29.55
N GLN B 414 1.23 22.22 -30.32
CA GLN B 414 0.78 23.63 -30.51
C GLN B 414 -0.57 23.59 -31.24
N ALA B 415 -0.67 22.76 -32.26
CA ALA B 415 -1.92 22.57 -33.03
C ALA B 415 -3.01 22.21 -32.03
N TYR B 416 -2.74 21.31 -31.09
CA TYR B 416 -3.76 20.93 -30.07
C TYR B 416 -4.09 22.15 -29.20
N GLU B 417 -3.08 22.91 -28.79
CA GLU B 417 -3.27 24.06 -27.86
C GLU B 417 -4.13 25.12 -28.55
N CYS B 418 -3.89 25.35 -29.83
CA CYS B 418 -4.58 26.37 -30.66
C CYS B 418 -6.06 26.00 -30.76
N TRP B 419 -6.34 24.74 -31.17
CA TRP B 419 -7.71 24.16 -31.24
C TRP B 419 -8.40 24.30 -29.88
N LYS B 420 -7.72 23.92 -28.79
CA LYS B 420 -8.24 23.96 -27.40
C LYS B 420 -8.69 25.38 -27.05
N GLU B 421 -7.83 26.37 -27.34
CA GLU B 421 -8.02 27.79 -26.98
C GLU B 421 -9.05 28.43 -27.91
N GLY B 422 -9.19 27.88 -29.12
CA GLY B 422 -10.13 28.38 -30.14
C GLY B 422 -9.57 29.56 -30.91
N ALA B 423 -8.25 29.79 -30.86
CA ALA B 423 -7.54 30.79 -31.69
C ALA B 423 -7.58 30.31 -33.15
N ASP B 424 -7.47 31.20 -34.14
CA ASP B 424 -7.35 30.78 -35.56
C ASP B 424 -5.90 30.40 -35.81
N PRO B 425 -5.64 29.30 -36.56
CA PRO B 425 -4.28 28.87 -36.85
C PRO B 425 -3.35 30.06 -37.15
N VAL B 426 -3.57 30.70 -38.30
CA VAL B 426 -2.65 31.73 -38.90
C VAL B 426 -2.26 32.75 -37.81
N GLU B 427 -3.19 33.18 -36.96
CA GLU B 427 -2.86 34.16 -35.90
C GLU B 427 -2.04 33.48 -34.79
N TYR B 428 -2.40 32.24 -34.44
CA TYR B 428 -1.68 31.42 -33.42
C TYR B 428 -0.21 31.25 -33.87
N ALA B 429 0.00 30.93 -35.15
CA ALA B 429 1.32 30.66 -35.78
C ALA B 429 2.31 31.83 -35.61
N LYS B 430 1.83 33.08 -35.55
CA LYS B 430 2.67 34.31 -35.50
C LYS B 430 3.56 34.28 -34.25
N GLU B 431 3.11 33.60 -33.18
CA GLU B 431 3.79 33.52 -31.86
C GLU B 431 4.32 32.09 -31.61
N HIS B 432 4.23 31.20 -32.60
CA HIS B 432 4.53 29.75 -32.44
C HIS B 432 5.28 29.22 -33.67
N LYS B 433 6.62 29.17 -33.57
CA LYS B 433 7.50 28.97 -34.75
C LYS B 433 7.26 27.57 -35.32
N GLU B 434 7.33 26.55 -34.48
CA GLU B 434 7.27 25.13 -34.91
C GLU B 434 5.99 24.93 -35.73
N PHE B 435 4.90 25.52 -35.27
CA PHE B 435 3.57 25.49 -35.94
C PHE B 435 3.67 26.32 -37.22
N ALA B 436 4.14 27.56 -37.13
CA ALA B 436 4.43 28.42 -38.30
C ALA B 436 5.17 27.58 -39.33
N ARG B 437 6.17 26.80 -38.91
CA ARG B 437 7.03 26.02 -39.84
C ARG B 437 6.36 24.71 -40.29
N ALA B 438 5.23 24.31 -39.69
CA ALA B 438 4.36 23.23 -40.23
C ALA B 438 3.74 23.69 -41.56
N PHE B 439 3.27 24.94 -41.60
CA PHE B 439 2.75 25.62 -42.82
C PHE B 439 3.77 25.45 -43.94
N GLU B 440 5.01 25.85 -43.71
CA GLU B 440 6.09 25.76 -44.75
C GLU B 440 6.48 24.30 -44.96
N SER B 441 6.22 23.40 -43.98
CA SER B 441 6.53 21.95 -44.05
C SER B 441 5.53 21.25 -44.98
N PHE B 442 4.27 21.72 -45.00
CA PHE B 442 3.16 21.11 -45.78
C PHE B 442 2.36 22.22 -46.44
N PRO B 443 2.96 22.94 -47.40
CA PRO B 443 2.46 24.25 -47.83
C PRO B 443 1.19 24.11 -48.70
N HIS B 444 1.06 23.00 -49.42
CA HIS B 444 -0.20 22.56 -50.10
C HIS B 444 -1.37 22.81 -49.13
N ASP B 445 -1.39 22.06 -48.03
CA ASP B 445 -2.24 22.35 -46.86
C ASP B 445 -1.81 23.72 -46.35
N ALA B 446 -2.68 24.72 -46.51
CA ALA B 446 -2.57 26.07 -45.90
C ALA B 446 -3.94 26.44 -45.32
N ASP B 447 -5.02 26.08 -46.03
CA ASP B 447 -6.40 26.58 -45.84
C ASP B 447 -7.22 25.50 -45.11
N GLN C 5 24.13 24.97 13.96
CA GLN C 5 23.02 24.00 13.77
C GLN C 5 21.70 24.77 13.56
N THR C 6 21.31 25.59 14.54
CA THR C 6 20.10 26.43 14.51
C THR C 6 20.04 27.19 13.18
N ASN C 7 21.14 27.83 12.79
CA ASN C 7 21.21 28.65 11.54
C ASN C 7 21.05 27.71 10.34
N ARG C 8 21.76 26.57 10.35
CA ARG C 8 21.79 25.62 9.21
C ARG C 8 20.41 24.99 9.00
N TYR C 9 19.68 24.61 10.05
CA TYR C 9 18.44 23.79 9.91
C TYR C 9 17.16 24.63 10.10
N SER C 10 17.26 25.96 10.06
CA SER C 10 16.07 26.86 10.10
C SER C 10 16.26 28.04 9.16
N ASP C 11 15.17 28.54 8.58
CA ASP C 11 15.16 29.75 7.72
C ASP C 11 13.73 30.27 7.69
N LEU C 12 13.39 31.10 8.68
CA LEU C 12 12.01 31.59 8.96
C LEU C 12 11.59 32.58 7.87
N SER C 13 12.55 33.02 7.07
CA SER C 13 12.32 33.92 5.91
C SER C 13 11.75 33.16 4.71
N LEU C 14 11.80 31.83 4.68
CA LEU C 14 11.17 31.03 3.59
C LEU C 14 9.65 31.22 3.66
N LYS C 15 8.98 31.30 2.50
CA LYS C 15 7.51 31.51 2.37
C LYS C 15 6.82 30.19 2.03
N GLU C 16 5.90 29.75 2.89
CA GLU C 16 5.15 28.48 2.72
C GLU C 16 4.73 28.36 1.25
N ASP C 17 4.10 29.39 0.69
CA ASP C 17 3.47 29.32 -0.66
C ASP C 17 4.54 29.03 -1.72
N GLU C 18 5.78 29.48 -1.53
CA GLU C 18 6.81 29.24 -2.57
C GLU C 18 7.37 27.82 -2.40
N LEU C 19 7.38 27.29 -1.18
CA LEU C 19 7.76 25.89 -0.90
C LEU C 19 6.78 24.95 -1.61
N ILE C 20 5.48 25.24 -1.51
CA ILE C 20 4.40 24.47 -2.19
C ILE C 20 4.53 24.61 -3.72
N ALA C 21 4.83 25.80 -4.22
CA ALA C 21 4.87 26.12 -5.67
C ALA C 21 6.08 25.45 -6.32
N SER C 22 7.20 25.34 -5.59
CA SER C 22 8.41 24.58 -6.04
C SER C 22 8.06 23.12 -6.38
N GLY C 23 7.14 22.48 -5.65
CA GLY C 23 6.86 21.04 -5.78
C GLY C 23 8.06 20.20 -5.36
N ASP C 24 8.98 20.75 -4.57
CA ASP C 24 10.27 20.13 -4.18
C ASP C 24 10.29 19.73 -2.70
N TYR C 25 9.22 19.95 -1.94
CA TYR C 25 9.21 19.76 -0.48
C TYR C 25 7.92 19.05 -0.04
N VAL C 26 8.12 18.05 0.80
CA VAL C 26 7.08 17.57 1.74
C VAL C 26 7.10 18.55 2.93
N LEU C 27 5.95 19.03 3.37
CA LEU C 27 5.88 19.92 4.55
C LEU C 27 5.15 19.17 5.64
N CYS C 28 5.65 19.28 6.86
CA CYS C 28 5.01 18.74 8.07
C CYS C 28 4.79 19.87 9.05
N ALA C 29 3.65 19.80 9.71
CA ALA C 29 3.21 20.76 10.73
C ALA C 29 3.03 19.98 12.03
N TYR C 30 3.66 20.45 13.09
CA TYR C 30 3.64 19.73 14.38
C TYR C 30 3.36 20.63 15.59
N LEU C 31 2.74 20.03 16.60
CA LEU C 31 2.61 20.62 17.96
C LEU C 31 3.94 20.25 18.63
N MET C 32 4.75 21.22 18.98
CA MET C 32 6.05 20.92 19.64
C MET C 32 6.24 21.86 20.83
N LYS C 33 6.65 21.27 21.96
CA LYS C 33 7.09 21.97 23.19
C LYS C 33 8.46 21.42 23.56
N PRO C 34 9.49 22.31 23.64
CA PRO C 34 10.81 21.94 24.13
C PRO C 34 10.84 21.63 25.64
N LYS C 35 11.87 20.92 26.09
CA LYS C 35 12.25 20.79 27.52
C LYS C 35 12.48 22.18 28.11
N SER C 36 12.32 22.32 29.42
CA SER C 36 12.18 23.61 30.14
C SER C 36 13.34 24.58 29.81
N GLY C 37 14.58 24.09 29.72
CA GLY C 37 15.75 24.98 29.53
C GLY C 37 16.14 25.25 28.09
N TYR C 38 15.27 24.97 27.11
CA TYR C 38 15.64 24.95 25.67
C TYR C 38 14.84 25.99 24.88
N GLY C 39 15.51 26.78 24.06
CA GLY C 39 14.87 27.77 23.19
C GLY C 39 14.10 27.07 22.08
N TYR C 40 13.00 27.68 21.61
CA TYR C 40 12.05 27.08 20.65
C TYR C 40 12.71 26.87 19.28
N LEU C 41 13.34 27.89 18.68
CA LEU C 41 13.96 27.74 17.33
C LEU C 41 15.18 26.81 17.40
N GLU C 42 15.91 26.77 18.52
CA GLU C 42 17.06 25.85 18.77
C GLU C 42 16.56 24.39 18.72
N ALA C 43 15.48 24.10 19.45
CA ALA C 43 14.82 22.78 19.56
C ALA C 43 14.25 22.34 18.20
N ALA C 44 13.51 23.23 17.53
CA ALA C 44 12.93 22.97 16.18
C ALA C 44 14.04 22.62 15.18
N ALA C 45 15.02 23.51 14.98
CA ALA C 45 16.22 23.25 14.14
C ALA C 45 16.83 21.89 14.49
N HIS C 46 16.99 21.57 15.78
CA HIS C 46 17.63 20.30 16.22
C HIS C 46 16.75 19.13 15.74
N PHE C 47 15.44 19.32 15.80
CA PHE C 47 14.39 18.36 15.38
C PHE C 47 14.52 18.16 13.86
N ALA C 48 14.68 19.25 13.10
CA ALA C 48 14.88 19.20 11.62
C ALA C 48 16.14 18.39 11.32
N ALA C 49 17.22 18.60 12.07
CA ALA C 49 18.49 17.87 11.89
C ALA C 49 18.25 16.38 12.16
N GLU C 50 17.66 16.03 13.29
CA GLU C 50 17.41 14.63 13.70
C GLU C 50 16.45 13.96 12.71
N SER C 51 15.71 14.74 11.93
CA SER C 51 14.67 14.26 11.00
C SER C 51 15.18 14.24 9.55
N SER C 52 16.48 14.42 9.31
CA SER C 52 17.05 14.59 7.96
C SER C 52 18.52 14.18 7.91
N THR C 53 19.45 15.12 8.07
CA THR C 53 20.88 14.91 7.77
C THR C 53 21.74 14.85 9.04
N GLY C 54 21.18 15.11 10.22
CA GLY C 54 21.92 15.09 11.51
C GLY C 54 23.18 15.94 11.49
N THR C 55 24.23 15.45 10.81
CA THR C 55 25.62 16.01 10.68
C THR C 55 26.27 16.04 12.05
N GLY C 68 21.81 20.52 0.55
CA GLY C 68 21.05 19.89 -0.55
C GLY C 68 19.74 19.29 -0.03
N VAL C 69 19.81 18.36 0.93
CA VAL C 69 18.64 17.59 1.44
C VAL C 69 18.41 17.84 2.94
N ASP C 70 19.06 18.84 3.54
CA ASP C 70 18.75 19.29 4.93
C ASP C 70 17.28 19.68 4.99
N ALA C 71 16.53 19.13 5.95
CA ALA C 71 15.19 19.59 6.34
C ALA C 71 15.33 20.95 7.08
N LEU C 72 14.36 21.85 6.87
CA LEU C 72 14.41 23.25 7.37
C LEU C 72 13.13 23.59 8.15
N VAL C 73 13.31 24.13 9.34
CA VAL C 73 12.25 24.89 10.08
C VAL C 73 11.99 26.19 9.29
N TYR C 74 10.80 26.34 8.72
CA TYR C 74 10.40 27.51 7.89
C TYR C 74 9.43 28.41 8.67
N GLU C 75 8.85 27.92 9.76
CA GLU C 75 7.80 28.63 10.53
C GLU C 75 7.76 28.06 11.94
N ILE C 76 7.79 28.92 12.96
CA ILE C 76 7.53 28.57 14.40
C ILE C 76 6.51 29.57 14.95
N ASP C 77 5.60 29.12 15.81
CA ASP C 77 4.76 29.98 16.66
C ASP C 77 4.97 29.49 18.11
N GLU C 78 5.98 30.03 18.76
CA GLU C 78 6.42 29.68 20.13
C GLU C 78 5.23 29.70 21.10
N ALA C 79 4.31 30.65 20.98
CA ALA C 79 3.14 30.79 21.89
C ALA C 79 2.15 29.64 21.65
N LYS C 80 1.94 29.26 20.39
CA LYS C 80 0.99 28.18 19.97
C LYS C 80 1.67 26.80 20.04
N GLU C 81 2.96 26.74 20.40
CA GLU C 81 3.75 25.47 20.48
C GLU C 81 3.62 24.77 19.11
N LEU C 82 4.02 25.46 18.06
CA LEU C 82 3.71 25.06 16.67
C LEU C 82 4.98 25.24 15.85
N MET C 83 5.29 24.23 15.02
CA MET C 83 6.58 24.15 14.28
C MET C 83 6.30 23.49 12.91
N LYS C 84 6.76 24.12 11.83
CA LYS C 84 6.56 23.63 10.44
C LYS C 84 7.92 23.37 9.81
N ILE C 85 8.11 22.18 9.23
CA ILE C 85 9.43 21.80 8.65
C ILE C 85 9.22 21.43 7.17
N ALA C 86 10.11 21.91 6.29
CA ALA C 86 10.19 21.54 4.86
C ALA C 86 11.24 20.45 4.69
N TYR C 87 10.84 19.32 4.05
CA TYR C 87 11.66 18.10 3.79
C TYR C 87 11.90 17.98 2.29
N PRO C 88 13.09 18.26 1.74
CA PRO C 88 13.34 18.06 0.32
C PRO C 88 12.97 16.61 -0.05
N VAL C 89 12.23 16.45 -1.15
CA VAL C 89 11.63 15.16 -1.63
C VAL C 89 12.69 14.06 -1.77
N ASP C 90 13.93 14.42 -2.10
CA ASP C 90 15.03 13.47 -2.39
C ASP C 90 15.49 12.75 -1.10
N LEU C 91 15.09 13.24 0.07
CA LEU C 91 15.31 12.53 1.34
C LEU C 91 14.56 11.18 1.35
N PHE C 92 13.44 11.05 0.63
CA PHE C 92 12.51 9.91 0.80
C PHE C 92 12.96 8.71 -0.04
N ASP C 93 12.78 7.52 0.55
CA ASP C 93 13.24 6.23 -0.01
C ASP C 93 12.31 5.82 -1.15
N ILE C 94 12.87 5.10 -2.11
CA ILE C 94 12.23 4.68 -3.38
C ILE C 94 12.55 3.21 -3.59
N ASN C 95 11.54 2.41 -3.90
CA ASN C 95 11.71 0.96 -4.20
C ASN C 95 12.69 0.78 -5.34
N ILE C 96 13.63 -0.15 -5.20
CA ILE C 96 14.49 -0.53 -6.37
C ILE C 96 13.64 -1.25 -7.42
N ILE C 97 12.56 -1.96 -7.02
CA ILE C 97 11.84 -2.86 -7.97
C ILE C 97 11.00 -2.02 -8.92
N ASP C 98 10.36 -0.94 -8.46
CA ASP C 98 9.34 -0.24 -9.31
C ASP C 98 9.40 1.29 -9.20
N GLY C 99 10.41 1.89 -8.54
CA GLY C 99 10.62 3.35 -8.56
C GLY C 99 9.52 4.09 -7.83
N ARG C 100 8.87 3.42 -6.90
CA ARG C 100 7.69 3.92 -6.18
C ARG C 100 8.08 4.26 -4.75
N ALA C 101 7.24 5.04 -4.12
CA ALA C 101 7.42 5.60 -2.76
C ALA C 101 7.01 4.56 -1.73
N MET C 102 7.58 4.70 -0.54
CA MET C 102 7.25 3.85 0.59
C MET C 102 6.93 4.76 1.78
N LEU C 103 5.79 4.52 2.40
CA LEU C 103 5.40 5.25 3.64
C LEU C 103 6.43 5.04 4.75
N ALA C 104 7.05 3.85 4.88
CA ALA C 104 8.00 3.58 5.99
C ALA C 104 9.04 4.72 6.00
N SER C 105 9.46 5.22 4.83
CA SER C 105 10.50 6.29 4.75
C SER C 105 9.97 7.62 5.31
N PHE C 106 8.77 8.00 4.89
CA PHE C 106 8.13 9.26 5.34
C PHE C 106 7.94 9.22 6.86
N LEU C 107 7.50 8.10 7.41
CA LEU C 107 7.38 7.93 8.88
C LEU C 107 8.74 8.00 9.59
N THR C 108 9.75 7.30 9.08
CA THR C 108 11.06 7.29 9.80
C THR C 108 11.63 8.71 9.74
N LEU C 109 11.46 9.42 8.62
CA LEU C 109 12.07 10.78 8.58
C LEU C 109 11.24 11.74 9.44
N THR C 110 9.91 11.71 9.29
CA THR C 110 9.05 12.82 9.77
C THR C 110 8.47 12.52 11.16
N ILE C 111 8.40 11.27 11.58
CA ILE C 111 7.92 10.98 12.97
C ILE C 111 8.68 9.77 13.55
N GLY C 112 10.00 9.74 13.35
CA GLY C 112 10.93 8.62 13.72
C GLY C 112 11.79 8.93 14.95
N ASN C 113 13.12 8.95 14.83
CA ASN C 113 14.01 9.28 15.98
C ASN C 113 13.58 10.60 16.65
N ASN C 114 12.96 11.54 15.90
CA ASN C 114 12.58 12.87 16.45
C ASN C 114 11.64 12.70 17.65
N GLN C 115 11.03 11.50 17.81
CA GLN C 115 10.13 11.15 18.94
C GLN C 115 10.87 10.65 20.19
N GLY C 116 12.20 10.61 20.18
CA GLY C 116 12.98 10.15 21.34
C GLY C 116 14.05 11.16 21.76
N MET C 117 13.94 12.42 21.33
CA MET C 117 14.93 13.50 21.60
C MET C 117 14.79 14.00 23.05
N GLY C 118 15.90 14.07 23.77
CA GLY C 118 15.93 14.47 25.20
C GLY C 118 15.59 15.94 25.42
N ASP C 119 15.77 16.82 24.42
CA ASP C 119 15.53 18.29 24.54
C ASP C 119 14.12 18.65 24.01
N ILE C 120 13.22 17.68 23.80
CA ILE C 120 11.81 17.93 23.38
C ILE C 120 10.87 17.22 24.38
N GLU C 121 9.93 17.93 25.01
CA GLU C 121 8.98 17.30 25.96
C GLU C 121 8.02 16.44 25.13
N TYR C 122 7.55 17.00 24.01
CA TYR C 122 6.60 16.34 23.08
C TYR C 122 6.60 17.02 21.72
N ALA C 123 6.36 16.24 20.68
CA ALA C 123 6.10 16.71 19.29
C ALA C 123 5.11 15.75 18.62
N LYS C 124 4.04 16.29 18.04
CA LYS C 124 2.95 15.50 17.43
C LYS C 124 2.69 16.06 16.05
N MET C 125 2.59 15.22 15.03
CA MET C 125 2.32 15.68 13.64
C MET C 125 0.82 15.95 13.50
N LEU C 126 0.48 17.14 13.01
CA LEU C 126 -0.92 17.64 12.93
C LEU C 126 -1.38 17.68 11.48
N ASP C 127 -0.45 17.87 10.54
CA ASP C 127 -0.78 17.86 9.10
C ASP C 127 0.49 17.64 8.28
N PHE C 128 0.35 17.21 7.02
CA PHE C 128 1.45 17.17 6.03
C PHE C 128 0.96 17.44 4.61
N TYR C 129 1.90 17.95 3.80
CA TYR C 129 1.71 18.24 2.36
C TYR C 129 2.63 17.35 1.54
N MET C 130 2.12 16.77 0.48
CA MET C 130 2.99 16.07 -0.49
C MET C 130 2.78 16.70 -1.85
N PRO C 131 3.89 17.10 -2.50
CA PRO C 131 3.80 17.74 -3.79
C PRO C 131 3.46 16.67 -4.83
N PRO C 132 2.98 17.07 -6.02
CA PRO C 132 2.48 16.12 -7.02
C PRO C 132 3.50 15.06 -7.49
N LYS C 133 4.80 15.41 -7.56
CA LYS C 133 5.87 14.53 -8.10
C LYS C 133 6.10 13.33 -7.16
N TYR C 134 5.91 13.57 -5.88
CA TYR C 134 6.11 12.56 -4.82
C TYR C 134 4.79 11.87 -4.52
N LEU C 135 3.71 12.63 -4.44
CA LEU C 135 2.40 12.00 -4.16
C LEU C 135 2.15 10.89 -5.18
N ARG C 136 2.40 11.12 -6.47
CA ARG C 136 1.95 10.18 -7.54
C ARG C 136 2.76 8.88 -7.47
N LEU C 137 3.84 8.84 -6.68
CA LEU C 137 4.68 7.63 -6.49
C LEU C 137 4.04 6.64 -5.49
N TYR C 138 2.95 7.01 -4.80
CA TYR C 138 2.23 6.13 -3.83
C TYR C 138 1.20 5.29 -4.56
N ASP C 139 0.85 4.10 -4.07
CA ASP C 139 -0.12 3.17 -4.72
C ASP C 139 -1.49 3.82 -4.86
N GLY C 140 -1.95 4.48 -3.81
CA GLY C 140 -3.33 4.95 -3.77
C GLY C 140 -4.22 3.72 -3.74
N PRO C 141 -5.53 3.93 -3.50
CA PRO C 141 -6.50 2.86 -3.54
C PRO C 141 -6.72 2.37 -4.98
N ALA C 142 -7.12 1.12 -5.11
CA ALA C 142 -7.48 0.49 -6.40
C ALA C 142 -8.97 0.17 -6.41
N VAL C 143 -9.56 0.11 -5.21
CA VAL C 143 -10.98 -0.27 -4.93
C VAL C 143 -11.47 0.66 -3.81
N ASN C 144 -12.78 0.92 -3.76
CA ASN C 144 -13.45 1.71 -2.70
C ASN C 144 -14.93 1.33 -2.73
N ILE C 145 -15.81 2.13 -2.12
CA ILE C 145 -17.27 1.80 -1.97
C ILE C 145 -17.92 1.72 -3.38
N GLN C 146 -17.45 2.46 -4.38
CA GLN C 146 -18.02 2.36 -5.75
C GLN C 146 -18.08 0.89 -6.18
N ASP C 147 -17.03 0.11 -5.89
CA ASP C 147 -16.95 -1.34 -6.24
C ASP C 147 -18.03 -2.14 -5.49
N MET C 148 -18.34 -1.77 -4.26
CA MET C 148 -19.40 -2.39 -3.44
C MET C 148 -20.79 -1.97 -3.97
N TRP C 149 -20.99 -0.69 -4.26
CA TRP C 149 -22.25 -0.23 -4.92
C TRP C 149 -22.51 -1.10 -6.14
N ARG C 150 -21.50 -1.23 -7.02
CA ARG C 150 -21.64 -2.04 -8.26
C ARG C 150 -22.17 -3.43 -7.89
N ILE C 151 -21.50 -4.10 -6.96
CA ILE C 151 -21.89 -5.46 -6.49
C ILE C 151 -23.35 -5.43 -6.00
N LEU C 152 -23.72 -4.40 -5.24
CA LEU C 152 -25.07 -4.30 -4.61
C LEU C 152 -26.13 -3.84 -5.62
N GLY C 153 -25.75 -3.39 -6.82
CA GLY C 153 -26.67 -3.02 -7.91
C GLY C 153 -27.20 -1.61 -7.71
N ARG C 154 -26.46 -0.81 -6.93
CA ARG C 154 -26.84 0.52 -6.42
C ARG C 154 -26.02 1.52 -7.22
N PRO C 155 -26.38 2.82 -7.19
CA PRO C 155 -25.73 3.79 -8.07
C PRO C 155 -24.23 3.87 -7.79
N ILE C 156 -23.49 3.99 -8.89
CA ILE C 156 -22.01 4.08 -8.95
C ILE C 156 -21.58 5.43 -8.40
N GLU C 157 -22.40 6.47 -8.56
CA GLU C 157 -22.21 7.77 -7.85
C GLU C 157 -23.31 7.92 -6.81
N ASN C 158 -22.92 8.26 -5.60
CA ASN C 158 -23.86 8.49 -4.46
C ASN C 158 -24.78 7.27 -4.32
N GLY C 159 -24.20 6.06 -4.28
CA GLY C 159 -24.93 4.81 -4.03
C GLY C 159 -25.42 4.70 -2.60
N GLY C 160 -24.96 5.58 -1.72
CA GLY C 160 -25.48 5.72 -0.34
C GLY C 160 -24.86 4.77 0.67
N TYR C 161 -25.62 4.48 1.73
CA TYR C 161 -25.22 3.87 3.02
C TYR C 161 -25.10 2.37 2.83
N ILE C 162 -24.02 1.79 3.35
CA ILE C 162 -23.92 0.31 3.41
C ILE C 162 -24.07 -0.10 4.87
N ALA C 163 -25.07 -0.93 5.13
CA ALA C 163 -25.51 -1.31 6.48
C ALA C 163 -24.68 -2.53 6.89
N GLY C 164 -23.82 -2.35 7.90
CA GLY C 164 -22.83 -3.36 8.30
C GLY C 164 -22.92 -3.70 9.76
N THR C 165 -22.25 -4.79 10.16
CA THR C 165 -22.15 -5.20 11.57
C THR C 165 -20.83 -5.94 11.79
N ILE C 166 -20.49 -6.07 13.08
CA ILE C 166 -19.69 -7.16 13.68
C ILE C 166 -20.66 -8.06 14.45
N ILE C 167 -20.63 -9.35 14.18
CA ILE C 167 -21.33 -10.40 14.98
C ILE C 167 -20.98 -10.23 16.46
N LYS C 168 -21.98 -10.36 17.36
CA LYS C 168 -21.80 -10.34 18.85
C LYS C 168 -22.04 -11.74 19.41
N PRO C 169 -21.23 -12.25 20.36
CA PRO C 169 -20.06 -11.54 20.90
C PRO C 169 -18.88 -11.38 19.92
N LYS C 170 -18.01 -10.43 20.25
CA LYS C 170 -16.86 -9.91 19.45
C LYS C 170 -15.99 -11.11 19.02
N LEU C 171 -15.46 -11.83 20.00
CA LEU C 171 -14.69 -13.08 19.84
C LEU C 171 -15.36 -14.12 20.73
N GLY C 172 -15.23 -15.40 20.38
CA GLY C 172 -15.63 -16.54 21.23
C GLY C 172 -16.63 -17.49 20.59
N LEU C 173 -17.48 -17.04 19.65
CA LEU C 173 -18.47 -17.94 18.98
C LEU C 173 -17.73 -19.09 18.29
N ARG C 174 -18.32 -20.29 18.32
CA ARG C 174 -17.84 -21.46 17.55
C ARG C 174 -18.18 -21.17 16.09
N PRO C 175 -17.60 -21.92 15.14
CA PRO C 175 -17.89 -21.72 13.72
C PRO C 175 -19.39 -21.69 13.35
N GLU C 176 -20.20 -22.65 13.81
CA GLU C 176 -21.63 -22.84 13.39
C GLU C 176 -22.48 -21.67 13.90
N PRO C 177 -22.41 -21.31 15.21
CA PRO C 177 -23.11 -20.13 15.72
C PRO C 177 -22.65 -18.82 15.05
N PHE C 178 -21.35 -18.69 14.76
CA PHE C 178 -20.83 -17.49 14.06
C PHE C 178 -21.52 -17.41 12.70
N ALA C 179 -21.50 -18.52 11.92
CA ALA C 179 -22.06 -18.57 10.55
C ALA C 179 -23.57 -18.31 10.58
N GLU C 180 -24.28 -18.90 11.55
CA GLU C 180 -25.73 -18.69 11.79
C GLU C 180 -26.04 -17.20 12.06
N ALA C 181 -25.30 -16.52 12.95
CA ALA C 181 -25.53 -15.07 13.21
C ALA C 181 -25.29 -14.26 11.94
N ALA C 182 -24.28 -14.62 11.12
CA ALA C 182 -24.01 -13.98 9.80
C ALA C 182 -25.20 -14.17 8.85
N TYR C 183 -25.72 -15.38 8.74
CA TYR C 183 -26.91 -15.65 7.89
C TYR C 183 -28.06 -14.74 8.34
N GLN C 184 -28.36 -14.73 9.64
CA GLN C 184 -29.48 -13.95 10.24
C GLN C 184 -29.25 -12.47 9.94
N PHE C 185 -28.04 -11.97 10.10
CA PHE C 185 -27.82 -10.52 9.85
C PHE C 185 -28.06 -10.21 8.38
N TRP C 186 -27.57 -11.06 7.48
CA TRP C 186 -27.53 -10.73 6.03
C TRP C 186 -28.96 -10.67 5.46
N LEU C 187 -29.95 -11.29 6.11
CA LEU C 187 -31.38 -11.31 5.65
C LEU C 187 -31.90 -9.86 5.57
N GLY C 188 -31.35 -8.93 6.35
CA GLY C 188 -31.63 -7.49 6.25
C GLY C 188 -30.42 -6.65 5.92
N GLY C 189 -29.23 -6.96 6.44
CA GLY C 189 -28.01 -6.15 6.27
C GLY C 189 -27.23 -6.50 5.01
N ASP C 190 -26.23 -5.69 4.70
CA ASP C 190 -25.37 -5.82 3.50
C ASP C 190 -23.98 -6.38 3.81
N PHE C 191 -23.35 -5.90 4.87
CA PHE C 191 -21.90 -6.14 5.12
C PHE C 191 -21.62 -6.66 6.53
N ILE C 192 -20.83 -7.73 6.61
CA ILE C 192 -20.33 -8.27 7.90
C ILE C 192 -18.81 -8.27 7.83
N LYS C 193 -18.15 -7.89 8.92
CA LYS C 193 -16.67 -7.93 9.04
C LYS C 193 -16.28 -8.80 10.21
N ASN C 194 -15.17 -9.54 10.09
CA ASN C 194 -14.52 -10.13 11.27
C ASN C 194 -14.34 -9.00 12.27
N ASP C 195 -14.46 -9.29 13.55
CA ASP C 195 -13.83 -8.44 14.59
C ASP C 195 -12.32 -8.48 14.33
N GLU C 196 -11.56 -7.45 14.70
CA GLU C 196 -10.15 -7.26 14.24
C GLU C 196 -9.19 -8.34 14.75
N PRO C 197 -9.39 -9.01 15.92
CA PRO C 197 -8.50 -10.10 16.35
C PRO C 197 -8.99 -11.48 15.87
N GLN C 198 -10.16 -11.52 15.23
CA GLN C 198 -10.81 -12.79 14.80
C GLN C 198 -10.01 -13.38 13.61
N GLY C 199 -9.54 -14.61 13.71
CA GLY C 199 -8.81 -15.21 12.58
C GLY C 199 -8.85 -16.70 12.63
N ASN C 200 -7.79 -17.28 13.19
CA ASN C 200 -7.67 -18.74 13.32
C ASN C 200 -7.46 -19.11 14.78
N GLN C 201 -8.24 -18.55 15.70
CA GLN C 201 -8.19 -19.01 17.12
C GLN C 201 -8.59 -20.47 17.16
N PRO C 202 -7.99 -21.29 18.08
CA PRO C 202 -8.38 -22.69 18.27
C PRO C 202 -9.86 -23.05 18.43
N PHE C 203 -10.65 -22.18 19.06
CA PHE C 203 -12.09 -22.44 19.31
C PHE C 203 -12.90 -22.10 18.04
N SER C 204 -12.31 -21.36 17.09
CA SER C 204 -12.93 -21.00 15.77
C SER C 204 -11.89 -21.02 14.65
N PRO C 205 -11.36 -22.20 14.26
CA PRO C 205 -10.30 -22.28 13.26
C PRO C 205 -10.81 -21.76 11.91
N MET C 206 -9.97 -20.95 11.26
CA MET C 206 -10.29 -20.26 10.00
C MET C 206 -10.83 -21.25 8.96
N LYS C 207 -10.21 -22.39 8.76
CA LYS C 207 -10.58 -23.34 7.68
C LYS C 207 -11.89 -24.10 8.04
N LYS C 208 -12.39 -23.99 9.26
CA LYS C 208 -13.75 -24.49 9.61
C LYS C 208 -14.76 -23.34 9.44
N THR C 209 -14.40 -22.13 9.80
CA THR C 209 -15.36 -21.03 9.97
C THR C 209 -15.66 -20.43 8.59
N ILE C 210 -14.63 -20.14 7.80
CA ILE C 210 -14.77 -19.38 6.53
C ILE C 210 -15.67 -20.13 5.58
N PRO C 211 -15.54 -21.47 5.40
CA PRO C 211 -16.47 -22.19 4.53
C PRO C 211 -17.97 -22.06 4.93
N LEU C 212 -18.25 -22.10 6.25
CA LEU C 212 -19.61 -21.90 6.83
C LEU C 212 -20.10 -20.47 6.62
N VAL C 213 -19.21 -19.47 6.72
CA VAL C 213 -19.54 -18.04 6.48
C VAL C 213 -19.92 -17.88 5.01
N ALA C 214 -19.13 -18.46 4.11
CA ALA C 214 -19.42 -18.41 2.65
C ALA C 214 -20.77 -19.07 2.43
N ASP C 215 -21.00 -20.24 3.00
CA ASP C 215 -22.30 -20.97 2.85
C ASP C 215 -23.44 -20.08 3.34
N ALA C 216 -23.29 -19.47 4.52
CA ALA C 216 -24.29 -18.55 5.12
C ALA C 216 -24.58 -17.39 4.16
N MET C 217 -23.54 -16.83 3.51
CA MET C 217 -23.72 -15.68 2.60
C MET C 217 -24.55 -16.10 1.38
N ARG C 218 -24.28 -17.28 0.81
CA ARG C 218 -25.02 -17.84 -0.35
C ARG C 218 -26.50 -18.07 0.01
N ARG C 219 -26.78 -18.61 1.19
CA ARG C 219 -28.15 -18.92 1.67
C ARG C 219 -28.92 -17.60 1.78
N ALA C 220 -28.30 -16.56 2.38
CA ALA C 220 -28.86 -15.21 2.56
C ALA C 220 -29.10 -14.58 1.19
N GLN C 221 -28.17 -14.76 0.25
CA GLN C 221 -28.33 -14.27 -1.13
C GLN C 221 -29.53 -14.97 -1.79
N ASP C 222 -29.67 -16.29 -1.63
CA ASP C 222 -30.76 -17.06 -2.26
C ASP C 222 -32.13 -16.63 -1.69
N GLU C 223 -32.25 -16.46 -0.38
CA GLU C 223 -33.55 -16.12 0.23
C GLU C 223 -33.95 -14.64 0.02
N THR C 224 -33.00 -13.72 -0.12
CA THR C 224 -33.28 -12.28 -0.26
C THR C 224 -33.25 -11.82 -1.72
N GLY C 225 -32.65 -12.56 -2.65
CA GLY C 225 -32.46 -12.09 -4.04
C GLY C 225 -31.48 -10.94 -4.13
N GLU C 226 -30.73 -10.64 -3.04
CA GLU C 226 -29.80 -9.49 -2.89
C GLU C 226 -28.36 -10.00 -2.69
N ALA C 227 -27.37 -9.28 -3.25
CA ALA C 227 -25.94 -9.57 -3.07
C ALA C 227 -25.56 -9.16 -1.64
N LYS C 228 -24.59 -9.85 -1.03
CA LYS C 228 -24.00 -9.50 0.28
C LYS C 228 -22.46 -9.42 0.18
N LEU C 229 -21.85 -8.90 1.24
CA LEU C 229 -20.43 -8.50 1.28
C LEU C 229 -19.87 -9.04 2.59
N PHE C 230 -18.67 -9.62 2.57
CA PHE C 230 -17.94 -10.07 3.79
C PHE C 230 -16.54 -9.47 3.79
N SER C 231 -16.07 -9.09 4.96
CA SER C 231 -14.71 -8.55 5.19
C SER C 231 -13.93 -9.51 6.10
N ALA C 232 -12.96 -10.23 5.51
CA ALA C 232 -12.16 -11.31 6.15
C ALA C 232 -10.83 -10.77 6.67
N ASN C 233 -10.59 -11.00 7.97
CA ASN C 233 -9.29 -10.70 8.60
C ASN C 233 -8.19 -11.58 7.99
N ILE C 234 -7.14 -10.96 7.41
CA ILE C 234 -5.96 -11.70 6.89
C ILE C 234 -4.69 -11.18 7.57
N THR C 235 -4.79 -10.42 8.66
CA THR C 235 -3.61 -9.86 9.36
C THR C 235 -2.74 -11.04 9.82
N ALA C 236 -1.41 -10.89 9.71
CA ALA C 236 -0.36 -11.80 10.22
C ALA C 236 0.98 -11.05 10.28
N ASP C 237 1.91 -11.59 11.05
CA ASP C 237 3.32 -11.13 11.02
C ASP C 237 3.90 -11.50 9.65
N ASP C 238 3.73 -12.74 9.28
CA ASP C 238 4.44 -13.28 8.10
C ASP C 238 3.64 -12.94 6.84
N PRO C 239 4.20 -12.17 5.91
CA PRO C 239 3.47 -11.89 4.67
C PRO C 239 3.01 -13.18 3.98
N ALA C 240 3.79 -14.27 4.02
CA ALA C 240 3.39 -15.55 3.42
C ALA C 240 2.07 -16.04 4.04
N GLU C 241 1.86 -15.75 5.34
CA GLU C 241 0.62 -16.16 6.05
C GLU C 241 -0.52 -15.26 5.54
N MET C 242 -0.27 -13.98 5.32
CA MET C 242 -1.33 -13.04 4.84
C MET C 242 -1.81 -13.52 3.49
N ILE C 243 -0.87 -13.95 2.64
CA ILE C 243 -1.20 -14.43 1.27
C ILE C 243 -1.94 -15.78 1.36
N ALA C 244 -1.53 -16.71 2.22
CA ALA C 244 -2.22 -18.02 2.36
C ALA C 244 -3.66 -17.80 2.84
N ARG C 245 -3.85 -16.93 3.83
CA ARG C 245 -5.22 -16.58 4.32
C ARG C 245 -6.04 -15.98 3.17
N GLY C 246 -5.52 -14.99 2.47
CA GLY C 246 -6.23 -14.33 1.35
C GLY C 246 -6.57 -15.30 0.25
N GLU C 247 -5.64 -16.21 -0.08
CA GLU C 247 -5.88 -17.24 -1.11
C GLU C 247 -6.95 -18.21 -0.58
N PHE C 248 -6.85 -18.63 0.69
CA PHE C 248 -7.81 -19.61 1.23
C PHE C 248 -9.22 -19.01 1.16
N VAL C 249 -9.34 -17.74 1.51
CA VAL C 249 -10.65 -17.04 1.58
C VAL C 249 -11.22 -16.91 0.13
N LEU C 250 -10.41 -16.55 -0.88
CA LEU C 250 -10.95 -16.39 -2.26
C LEU C 250 -11.35 -17.74 -2.80
N GLU C 251 -10.50 -18.74 -2.58
CA GLU C 251 -10.76 -20.15 -2.96
C GLU C 251 -12.12 -20.61 -2.42
N THR C 252 -12.39 -20.37 -1.14
CA THR C 252 -13.58 -20.82 -0.40
C THR C 252 -14.79 -20.03 -0.88
N PHE C 253 -14.66 -18.72 -1.09
CA PHE C 253 -15.81 -17.92 -1.54
C PHE C 253 -16.09 -18.23 -3.02
N GLY C 254 -15.12 -18.78 -3.74
CA GLY C 254 -15.41 -19.33 -5.07
C GLY C 254 -16.10 -18.28 -5.92
N PHE C 255 -17.31 -18.55 -6.38
CA PHE C 255 -18.03 -17.67 -7.36
C PHE C 255 -18.32 -16.27 -6.76
N GLU C 256 -18.33 -16.18 -5.43
CA GLU C 256 -18.55 -14.92 -4.67
C GLU C 256 -17.23 -14.28 -4.23
N ALA C 257 -16.06 -14.72 -4.73
CA ALA C 257 -14.75 -14.17 -4.30
C ALA C 257 -14.64 -12.65 -4.53
N SER C 258 -15.33 -12.11 -5.55
CA SER C 258 -15.33 -10.66 -5.88
C SER C 258 -15.97 -9.87 -4.75
N GLN C 259 -16.72 -10.50 -3.86
CA GLN C 259 -17.57 -9.83 -2.85
C GLN C 259 -16.87 -9.87 -1.48
N VAL C 260 -15.62 -10.33 -1.42
CA VAL C 260 -14.80 -10.45 -0.18
C VAL C 260 -13.87 -9.25 -0.07
N ALA C 261 -13.93 -8.55 1.05
CA ALA C 261 -12.98 -7.51 1.46
C ALA C 261 -11.92 -8.15 2.35
N PHE C 262 -10.71 -7.63 2.31
CA PHE C 262 -9.59 -8.10 3.15
C PHE C 262 -9.34 -7.03 4.20
N LEU C 263 -9.48 -7.45 5.44
CA LEU C 263 -9.27 -6.61 6.62
C LEU C 263 -7.82 -6.75 7.10
N VAL C 264 -7.14 -5.62 7.18
CA VAL C 264 -5.78 -5.59 7.79
C VAL C 264 -5.78 -4.67 9.02
N ASP C 265 -5.23 -5.17 10.13
CA ASP C 265 -4.97 -4.40 11.37
C ASP C 265 -3.69 -3.57 11.15
N GLY C 266 -3.85 -2.51 10.36
CA GLY C 266 -2.78 -1.70 9.75
C GLY C 266 -2.00 -0.89 10.76
N TYR C 267 -2.59 -0.59 11.93
CA TYR C 267 -1.88 0.17 12.99
C TYR C 267 -0.94 -0.77 13.73
N VAL C 268 -1.41 -1.93 14.19
CA VAL C 268 -0.57 -2.83 15.04
C VAL C 268 0.36 -3.72 14.20
N ALA C 269 -0.03 -4.10 12.99
CA ALA C 269 0.79 -4.93 12.07
C ALA C 269 1.67 -4.02 11.21
N GLY C 270 1.22 -2.78 10.93
CA GLY C 270 2.04 -1.75 10.27
C GLY C 270 1.79 -1.66 8.78
N PRO C 271 2.41 -0.65 8.13
CA PRO C 271 2.22 -0.41 6.69
C PRO C 271 2.71 -1.53 5.77
N THR C 272 3.72 -2.29 6.20
CA THR C 272 4.16 -3.47 5.41
C THR C 272 3.01 -4.51 5.32
N ALA C 273 2.25 -4.73 6.37
CA ALA C 273 1.07 -5.65 6.35
C ALA C 273 0.03 -5.13 5.33
N VAL C 274 -0.19 -3.82 5.27
CA VAL C 274 -1.22 -3.16 4.41
C VAL C 274 -0.74 -3.22 2.95
N ALA C 275 0.54 -2.90 2.68
CA ALA C 275 1.12 -3.01 1.32
C ALA C 275 1.03 -4.47 0.82
N THR C 276 1.19 -5.44 1.72
CA THR C 276 1.10 -6.87 1.39
C THR C 276 -0.28 -7.12 0.77
N ALA C 277 -1.33 -6.66 1.43
CA ALA C 277 -2.72 -6.82 0.94
C ALA C 277 -2.90 -5.98 -0.35
N ARG C 278 -2.47 -4.72 -0.31
CA ARG C 278 -2.64 -3.76 -1.43
C ARG C 278 -2.00 -4.33 -2.71
N ARG C 279 -0.80 -4.91 -2.61
CA ARG C 279 0.03 -5.28 -3.79
C ARG C 279 -0.24 -6.73 -4.16
N ASN C 280 -0.55 -7.62 -3.23
CA ASN C 280 -0.87 -9.00 -3.64
C ASN C 280 -2.33 -9.10 -4.02
N PHE C 281 -3.25 -8.35 -3.39
CA PHE C 281 -4.71 -8.50 -3.63
C PHE C 281 -5.33 -7.15 -3.99
N PRO C 282 -4.85 -6.46 -5.05
CA PRO C 282 -5.36 -5.16 -5.43
C PRO C 282 -6.83 -5.16 -5.90
N ASN C 283 -7.33 -6.30 -6.37
CA ASN C 283 -8.70 -6.48 -6.90
C ASN C 283 -9.71 -6.68 -5.76
N GLN C 284 -9.25 -6.76 -4.51
CA GLN C 284 -10.12 -6.98 -3.32
C GLN C 284 -10.08 -5.70 -2.47
N PHE C 285 -11.27 -5.17 -2.14
CA PHE C 285 -11.42 -4.06 -1.15
C PHE C 285 -10.54 -4.36 0.06
N LEU C 286 -9.66 -3.41 0.35
CA LEU C 286 -8.69 -3.42 1.46
C LEU C 286 -9.29 -2.55 2.57
N HIS C 287 -9.77 -3.22 3.59
CA HIS C 287 -10.52 -2.68 4.74
C HIS C 287 -9.47 -2.47 5.84
N PHE C 288 -9.16 -1.22 6.14
CA PHE C 288 -8.06 -0.86 7.08
C PHE C 288 -8.63 -0.69 8.50
N HIS C 289 -8.22 -1.62 9.35
CA HIS C 289 -8.55 -1.71 10.79
C HIS C 289 -7.46 -0.97 11.52
N ARG C 290 -7.81 -0.17 12.53
N ARG C 290 -7.85 -0.21 12.55
CA ARG C 290 -6.85 0.78 13.16
CA ARG C 290 -7.02 0.85 13.18
C ARG C 290 -6.77 0.53 14.67
C ARG C 290 -6.77 0.53 14.66
N ALA C 291 -7.17 -0.65 15.15
CA ALA C 291 -6.97 -1.08 16.56
C ALA C 291 -5.59 -0.63 17.07
N GLY C 292 -5.57 0.10 18.19
CA GLY C 292 -4.36 0.52 18.90
C GLY C 292 -3.91 1.93 18.56
N HIS C 293 -4.47 2.55 17.50
CA HIS C 293 -4.12 3.90 16.96
C HIS C 293 -4.28 4.95 18.05
N GLY C 294 -5.21 4.71 18.97
CA GLY C 294 -5.50 5.61 20.11
C GLY C 294 -4.27 5.86 20.98
N ALA C 295 -3.29 4.94 20.98
CA ALA C 295 -2.05 5.07 21.77
C ALA C 295 -1.31 6.36 21.38
N VAL C 296 -1.51 6.86 20.15
CA VAL C 296 -0.88 8.16 19.72
C VAL C 296 -1.93 9.19 19.28
N THR C 297 -3.08 8.81 18.70
CA THR C 297 -3.99 9.76 17.98
C THR C 297 -5.01 10.41 18.95
N SER C 298 -5.17 9.84 20.14
CA SER C 298 -5.98 10.42 21.25
C SER C 298 -5.54 11.87 21.45
N PRO C 299 -6.48 12.84 21.52
CA PRO C 299 -6.15 14.22 21.89
C PRO C 299 -5.41 14.28 23.22
N GLN C 300 -5.56 13.25 24.06
CA GLN C 300 -4.83 13.14 25.35
C GLN C 300 -3.34 12.89 25.10
N SER C 301 -2.94 12.45 23.89
CA SER C 301 -1.52 12.25 23.53
C SER C 301 -0.94 13.53 22.95
N LYS C 302 0.30 13.85 23.33
CA LYS C 302 1.02 15.00 22.74
C LYS C 302 2.09 14.49 21.78
N ARG C 303 2.07 13.18 21.47
CA ARG C 303 3.14 12.54 20.67
C ARG C 303 2.59 11.92 19.36
N GLY C 304 3.49 11.62 18.41
CA GLY C 304 3.17 10.81 17.22
C GLY C 304 2.42 11.62 16.19
N TYR C 305 1.15 11.33 15.97
CA TYR C 305 0.35 12.04 14.95
C TYR C 305 -1.14 11.91 15.29
N THR C 306 -1.93 12.83 14.74
CA THR C 306 -3.40 12.88 14.96
C THR C 306 -4.10 11.85 14.09
N ALA C 307 -5.37 11.57 14.39
CA ALA C 307 -6.19 10.64 13.60
C ALA C 307 -6.28 11.19 12.18
N PHE C 308 -6.30 12.51 12.05
CA PHE C 308 -6.38 13.17 10.72
C PHE C 308 -5.20 12.68 9.86
N VAL C 309 -3.98 12.83 10.38
CA VAL C 309 -2.70 12.46 9.69
C VAL C 309 -2.72 10.95 9.40
N HIS C 310 -3.11 10.15 10.39
CA HIS C 310 -3.17 8.67 10.25
C HIS C 310 -4.04 8.29 9.04
N ILE C 311 -5.25 8.80 9.04
CA ILE C 311 -6.28 8.48 8.03
C ILE C 311 -5.81 9.05 6.69
N LYS C 312 -5.09 10.16 6.68
CA LYS C 312 -4.61 10.73 5.40
C LYS C 312 -3.63 9.71 4.80
N MET C 313 -2.73 9.19 5.63
CA MET C 313 -1.65 8.25 5.21
C MET C 313 -2.27 6.97 4.65
N THR C 314 -3.41 6.52 5.18
CA THR C 314 -3.99 5.22 4.74
C THR C 314 -4.43 5.32 3.27
N ARG C 315 -4.81 6.51 2.81
CA ARG C 315 -5.23 6.67 1.40
C ARG C 315 -4.00 6.44 0.51
N LEU C 316 -2.85 6.98 0.92
CA LEU C 316 -1.54 6.79 0.23
C LEU C 316 -1.22 5.30 0.07
N LEU C 317 -1.37 4.56 1.16
CA LEU C 317 -1.09 3.11 1.22
C LEU C 317 -2.08 2.36 0.32
N GLY C 318 -3.27 2.91 0.07
CA GLY C 318 -4.23 2.28 -0.86
C GLY C 318 -5.37 1.59 -0.14
N ALA C 319 -5.67 1.96 1.11
CA ALA C 319 -6.89 1.53 1.82
C ALA C 319 -8.12 1.87 0.96
N SER C 320 -9.00 0.90 0.73
CA SER C 320 -10.29 1.04 0.02
C SER C 320 -11.27 1.71 0.98
N GLY C 321 -11.08 1.44 2.28
CA GLY C 321 -11.92 2.02 3.34
C GLY C 321 -11.15 2.06 4.62
N MET C 322 -11.45 3.06 5.44
CA MET C 322 -10.66 3.38 6.65
C MET C 322 -11.64 3.70 7.78
N HIS C 323 -11.40 3.11 8.95
CA HIS C 323 -12.24 3.42 10.13
C HIS C 323 -11.94 4.85 10.56
N VAL C 324 -12.98 5.69 10.67
CA VAL C 324 -12.83 7.14 11.04
C VAL C 324 -13.68 7.49 12.28
N GLY C 325 -14.46 6.56 12.83
CA GLY C 325 -15.42 6.88 13.92
C GLY C 325 -16.67 7.60 13.44
N THR C 326 -17.05 8.68 14.14
CA THR C 326 -18.39 9.32 14.17
C THR C 326 -18.29 10.78 14.64
N ALA C 336 -17.62 16.25 14.68
CA ALA C 336 -18.30 17.03 13.61
C ALA C 336 -17.26 17.53 12.61
N SER C 337 -16.27 18.30 13.11
CA SER C 337 -15.16 18.93 12.35
C SER C 337 -14.18 17.88 11.80
N ASP C 338 -14.17 16.67 12.36
CA ASP C 338 -13.32 15.57 11.85
C ASP C 338 -13.95 14.97 10.59
N LYS C 339 -15.03 15.56 10.07
CA LYS C 339 -15.43 15.42 8.63
C LYS C 339 -14.51 16.33 7.77
N LEU C 340 -13.63 17.12 8.41
CA LEU C 340 -12.34 17.52 7.77
C LEU C 340 -11.62 16.25 7.27
N ILE C 341 -11.60 15.22 8.11
CA ILE C 341 -11.10 13.85 7.74
C ILE C 341 -11.85 13.34 6.52
N ALA C 342 -13.18 13.21 6.59
CA ALA C 342 -14.00 12.67 5.47
C ALA C 342 -13.54 13.31 4.15
N TYR C 343 -13.54 14.65 4.06
CA TYR C 343 -13.22 15.42 2.82
C TYR C 343 -11.83 15.06 2.29
N MET C 344 -10.86 14.93 3.18
CA MET C 344 -9.46 14.60 2.83
C MET C 344 -9.38 13.18 2.23
N ILE C 345 -10.24 12.22 2.61
CA ILE C 345 -10.12 10.83 2.05
C ILE C 345 -11.12 10.62 0.90
N GLU C 346 -12.16 11.42 0.80
CA GLU C 346 -13.24 11.10 -0.17
C GLU C 346 -13.21 12.06 -1.38
N ARG C 347 -12.48 13.17 -1.32
CA ARG C 347 -12.49 14.19 -2.41
C ARG C 347 -11.13 14.28 -3.10
N ASP C 348 -11.13 14.92 -4.27
CA ASP C 348 -9.91 15.17 -5.08
C ASP C 348 -9.16 16.37 -4.56
N SER C 349 -9.83 17.19 -3.77
CA SER C 349 -9.34 18.53 -3.35
C SER C 349 -9.83 18.77 -1.93
N ALA C 350 -8.93 19.00 -0.96
CA ALA C 350 -9.38 19.15 0.45
C ALA C 350 -8.32 19.94 1.20
N ASP C 351 -8.68 20.43 2.39
CA ASP C 351 -7.80 21.24 3.27
C ASP C 351 -7.62 20.53 4.59
N GLY C 352 -6.38 20.36 5.03
CA GLY C 352 -6.10 19.85 6.38
C GLY C 352 -6.13 21.02 7.36
N PRO C 353 -5.72 20.83 8.62
CA PRO C 353 -5.60 21.96 9.54
C PRO C 353 -4.59 23.05 9.10
N PHE C 354 -3.64 22.71 8.22
CA PHE C 354 -2.53 23.60 7.81
C PHE C 354 -2.28 23.57 6.31
N TYR C 355 -2.60 22.47 5.62
CA TYR C 355 -2.19 22.28 4.20
C TYR C 355 -3.39 21.92 3.34
N HIS C 356 -3.48 22.63 2.21
CA HIS C 356 -4.36 22.27 1.09
C HIS C 356 -3.68 21.12 0.33
N GLN C 357 -4.43 20.09 -0.04
CA GLN C 357 -3.92 18.93 -0.80
C GLN C 357 -4.83 18.65 -2.01
N GLU C 358 -4.27 18.72 -3.22
CA GLU C 358 -4.78 18.12 -4.49
C GLU C 358 -4.33 16.65 -4.56
N TRP C 359 -5.25 15.72 -4.86
CA TRP C 359 -5.01 14.26 -4.97
C TRP C 359 -4.78 13.84 -6.44
N ALA C 360 -5.00 14.78 -7.39
CA ALA C 360 -4.81 14.58 -8.84
C ALA C 360 -5.37 13.23 -9.26
N GLY C 361 -6.60 12.87 -8.88
CA GLY C 361 -7.30 11.64 -9.38
C GLY C 361 -6.91 10.40 -8.59
N MET C 362 -5.99 10.53 -7.61
CA MET C 362 -5.77 9.39 -6.70
C MET C 362 -7.15 8.99 -6.21
N LYS C 363 -7.50 7.70 -6.33
CA LYS C 363 -8.82 7.16 -5.94
C LYS C 363 -9.14 7.55 -4.49
N PRO C 364 -10.37 8.03 -4.22
CA PRO C 364 -10.82 8.20 -2.83
C PRO C 364 -10.78 6.95 -1.94
N THR C 365 -10.55 7.15 -0.64
CA THR C 365 -10.77 6.12 0.44
C THR C 365 -12.13 6.38 1.11
N THR C 366 -12.97 5.35 1.25
CA THR C 366 -14.32 5.35 1.87
C THR C 366 -14.25 5.41 3.39
N PRO C 367 -14.98 6.35 4.04
CA PRO C 367 -15.07 6.34 5.51
C PRO C 367 -15.89 5.12 5.91
N ILE C 368 -15.36 4.36 6.86
CA ILE C 368 -16.11 3.29 7.60
C ILE C 368 -16.32 3.83 9.03
N ILE C 369 -17.58 3.99 9.40
CA ILE C 369 -17.99 4.70 10.64
C ILE C 369 -18.39 3.63 11.66
N SER C 370 -18.23 3.98 12.95
CA SER C 370 -18.65 3.21 14.15
C SER C 370 -19.82 3.94 14.82
N GLY C 371 -20.76 4.41 14.00
CA GLY C 371 -21.89 5.27 14.40
C GLY C 371 -23.03 4.46 14.99
N GLY C 372 -23.10 4.40 16.33
CA GLY C 372 -24.10 3.62 17.09
C GLY C 372 -25.51 4.01 16.67
N MET C 373 -25.75 5.33 16.62
CA MET C 373 -27.04 6.04 16.42
C MET C 373 -28.17 5.12 15.93
N ASN C 374 -29.34 5.27 16.56
CA ASN C 374 -30.57 4.57 16.10
C ASN C 374 -31.03 5.16 14.75
N ALA C 375 -31.89 4.43 14.04
CA ALA C 375 -32.50 4.84 12.75
C ALA C 375 -33.04 6.28 12.86
N LEU C 376 -33.47 6.71 14.05
CA LEU C 376 -34.09 8.06 14.25
C LEU C 376 -33.01 9.15 14.35
N ARG C 377 -31.78 8.82 14.77
CA ARG C 377 -30.67 9.82 14.93
C ARG C 377 -29.71 9.80 13.72
N LEU C 378 -29.71 8.75 12.89
CA LEU C 378 -28.77 8.64 11.73
C LEU C 378 -28.87 9.92 10.90
N PRO C 379 -30.09 10.47 10.69
CA PRO C 379 -30.26 11.68 9.88
C PRO C 379 -29.36 12.87 10.23
N GLY C 380 -29.19 13.20 11.51
CA GLY C 380 -28.32 14.32 11.90
C GLY C 380 -26.88 14.08 11.47
N PHE C 381 -26.40 12.83 11.52
CA PHE C 381 -25.05 12.45 11.01
C PHE C 381 -24.98 12.74 9.51
N PHE C 382 -25.94 12.22 8.76
CA PHE C 382 -26.01 12.44 7.29
C PHE C 382 -26.01 13.94 7.03
N GLU C 383 -26.82 14.70 7.80
CA GLU C 383 -27.02 16.16 7.61
C GLU C 383 -25.66 16.84 7.71
N ASN C 384 -24.91 16.45 8.73
CA ASN C 384 -23.58 17.02 9.01
C ASN C 384 -22.60 16.62 7.89
N LEU C 385 -22.73 15.42 7.32
CA LEU C 385 -21.78 14.86 6.31
C LEU C 385 -22.05 15.51 4.94
N GLY C 386 -23.32 15.75 4.61
CA GLY C 386 -23.70 16.13 3.24
C GLY C 386 -24.18 14.93 2.45
N HIS C 387 -24.01 13.71 2.96
CA HIS C 387 -24.30 12.46 2.22
C HIS C 387 -24.23 11.25 3.17
N GLY C 388 -24.60 10.06 2.69
CA GLY C 388 -24.51 8.77 3.40
C GLY C 388 -23.75 7.71 2.61
N ASN C 389 -22.73 8.15 1.86
CA ASN C 389 -21.79 7.28 1.12
C ASN C 389 -20.77 6.74 2.11
N VAL C 390 -21.19 5.89 3.02
CA VAL C 390 -20.32 5.37 4.11
C VAL C 390 -20.70 3.93 4.34
N ILE C 391 -19.75 3.16 4.90
CA ILE C 391 -19.99 1.82 5.47
C ILE C 391 -20.11 1.99 6.99
N ASN C 392 -21.19 1.49 7.57
CA ASN C 392 -21.42 1.57 9.02
C ASN C 392 -21.24 0.19 9.59
N THR C 393 -20.41 0.03 10.64
CA THR C 393 -20.18 -1.29 11.29
C THR C 393 -20.63 -1.31 12.77
N ALA C 394 -20.91 -0.19 13.42
CA ALA C 394 -21.32 -0.18 14.86
C ALA C 394 -22.72 -0.84 15.04
N GLY C 395 -23.06 -1.20 16.29
CA GLY C 395 -24.17 -2.11 16.65
C GLY C 395 -25.37 -1.44 17.31
N GLY C 396 -25.20 -0.21 17.81
CA GLY C 396 -26.19 0.51 18.65
C GLY C 396 -27.58 0.54 18.02
N GLY C 397 -27.66 0.83 16.72
CA GLY C 397 -28.91 0.92 15.94
C GLY C 397 -29.39 -0.43 15.40
N THR C 398 -28.48 -1.42 15.29
CA THR C 398 -28.75 -2.79 14.76
C THR C 398 -29.23 -3.72 15.90
N TYR C 399 -28.42 -3.84 16.95
CA TYR C 399 -28.59 -4.83 18.07
C TYR C 399 -29.51 -4.21 19.14
N GLY C 400 -29.71 -2.89 19.10
CA GLY C 400 -30.67 -2.18 19.96
C GLY C 400 -32.10 -2.29 19.46
N HIS C 401 -32.31 -2.69 18.20
CA HIS C 401 -33.65 -2.86 17.59
C HIS C 401 -34.39 -3.98 18.33
N ILE C 402 -35.63 -3.76 18.74
CA ILE C 402 -36.40 -4.69 19.62
C ILE C 402 -36.66 -6.02 18.90
N ASP C 403 -36.75 -6.02 17.56
CA ASP C 403 -37.24 -7.19 16.78
C ASP C 403 -36.10 -8.17 16.48
N SER C 404 -35.11 -7.74 15.66
CA SER C 404 -33.96 -8.55 15.19
C SER C 404 -32.86 -7.64 14.66
N PRO C 405 -31.58 -8.05 14.76
CA PRO C 405 -30.48 -7.38 14.07
C PRO C 405 -30.68 -7.14 12.57
N ALA C 406 -31.31 -8.07 11.87
CA ALA C 406 -31.75 -7.88 10.47
C ALA C 406 -32.64 -6.64 10.36
N ALA C 407 -33.78 -6.66 11.05
CA ALA C 407 -34.75 -5.54 11.15
C ALA C 407 -34.01 -4.26 11.50
N GLY C 408 -33.01 -4.31 12.38
CA GLY C 408 -32.22 -3.12 12.76
C GLY C 408 -31.42 -2.55 11.60
N ALA C 409 -30.89 -3.42 10.75
CA ALA C 409 -30.11 -3.07 9.54
C ALA C 409 -31.07 -2.43 8.53
N VAL C 410 -32.22 -3.06 8.34
CA VAL C 410 -33.26 -2.56 7.39
C VAL C 410 -33.72 -1.18 7.92
N SER C 411 -33.84 -1.00 9.23
CA SER C 411 -34.30 0.28 9.82
C SER C 411 -33.31 1.40 9.50
N LEU C 412 -32.01 1.09 9.55
CA LEU C 412 -30.92 2.08 9.35
C LEU C 412 -30.80 2.43 7.88
N ARG C 413 -31.06 1.47 7.00
CA ARG C 413 -31.15 1.68 5.54
C ARG C 413 -32.33 2.61 5.27
N GLN C 414 -33.50 2.25 5.81
CA GLN C 414 -34.77 3.04 5.68
C GLN C 414 -34.48 4.49 6.10
N ALA C 415 -33.80 4.71 7.22
CA ALA C 415 -33.37 6.01 7.78
C ALA C 415 -32.42 6.76 6.84
N TYR C 416 -31.61 6.06 6.04
CA TYR C 416 -30.86 6.70 4.92
C TYR C 416 -31.86 7.01 3.79
N GLU C 417 -32.67 6.03 3.36
CA GLU C 417 -33.53 6.12 2.16
C GLU C 417 -34.56 7.24 2.36
N CYS C 418 -35.17 7.30 3.56
CA CYS C 418 -36.12 8.34 4.00
C CYS C 418 -35.43 9.70 3.93
N TRP C 419 -34.24 9.83 4.53
CA TRP C 419 -33.42 11.09 4.52
C TRP C 419 -33.02 11.50 3.09
N LYS C 420 -32.75 10.53 2.21
CA LYS C 420 -32.34 10.74 0.79
C LYS C 420 -33.54 11.29 0.01
N GLU C 421 -34.63 10.51 -0.02
CA GLU C 421 -35.93 10.88 -0.66
C GLU C 421 -36.52 12.14 -0.01
N GLY C 422 -36.17 12.46 1.23
CA GLY C 422 -36.71 13.62 1.96
C GLY C 422 -38.19 13.46 2.22
N ALA C 423 -38.62 12.24 2.55
CA ALA C 423 -39.98 11.93 3.03
C ALA C 423 -40.10 12.36 4.51
N ASP C 424 -41.31 12.43 5.05
CA ASP C 424 -41.57 12.71 6.49
C ASP C 424 -41.27 11.43 7.26
N PRO C 425 -40.36 11.43 8.27
CA PRO C 425 -39.99 10.17 8.92
C PRO C 425 -41.26 9.38 9.26
N VAL C 426 -42.24 10.06 9.86
CA VAL C 426 -43.40 9.40 10.52
C VAL C 426 -44.36 8.92 9.43
N GLU C 427 -44.53 9.72 8.37
CA GLU C 427 -45.32 9.34 7.15
C GLU C 427 -44.63 8.14 6.48
N TYR C 428 -43.30 8.11 6.39
CA TYR C 428 -42.50 6.97 5.87
C TYR C 428 -42.69 5.71 6.75
N ALA C 429 -42.67 5.87 8.08
CA ALA C 429 -42.83 4.77 9.06
C ALA C 429 -44.06 3.92 8.69
N LYS C 430 -45.22 4.53 8.40
CA LYS C 430 -46.37 3.78 7.83
C LYS C 430 -45.99 3.43 6.39
N GLU C 431 -45.99 2.14 6.05
CA GLU C 431 -45.45 1.58 4.77
C GLU C 431 -44.04 0.98 4.98
N HIS C 432 -43.40 1.16 6.14
CA HIS C 432 -42.02 0.66 6.44
C HIS C 432 -41.94 0.17 7.90
N LYS C 433 -42.30 -1.10 8.11
CA LYS C 433 -42.57 -1.69 9.45
C LYS C 433 -41.29 -1.66 10.29
N GLU C 434 -40.11 -1.86 9.68
CA GLU C 434 -38.83 -1.95 10.41
C GLU C 434 -38.46 -0.55 10.93
N PHE C 435 -38.58 0.48 10.09
CA PHE C 435 -38.33 1.87 10.53
C PHE C 435 -39.38 2.23 11.59
N ALA C 436 -40.66 1.93 11.33
CA ALA C 436 -41.78 2.10 12.30
C ALA C 436 -41.34 1.56 13.67
N ARG C 437 -40.97 0.27 13.74
CA ARG C 437 -40.64 -0.46 15.01
C ARG C 437 -39.41 0.16 15.69
N ALA C 438 -38.63 0.97 14.97
CA ALA C 438 -37.51 1.74 15.54
C ALA C 438 -38.08 2.83 16.44
N PHE C 439 -39.19 3.45 16.05
CA PHE C 439 -39.94 4.44 16.87
C PHE C 439 -40.24 3.77 18.23
N GLU C 440 -40.81 2.55 18.23
CA GLU C 440 -41.11 1.77 19.47
C GLU C 440 -39.80 1.26 20.12
N SER C 441 -38.75 1.00 19.34
CA SER C 441 -37.43 0.52 19.82
C SER C 441 -36.73 1.60 20.65
N PHE C 442 -36.92 2.86 20.28
CA PHE C 442 -36.24 4.02 20.92
C PHE C 442 -37.29 5.08 21.20
N PRO C 443 -38.18 4.87 22.20
CA PRO C 443 -39.33 5.77 22.44
C PRO C 443 -38.89 7.20 22.77
N HIS C 444 -37.77 7.37 23.49
CA HIS C 444 -37.04 8.66 23.64
C HIS C 444 -36.49 9.08 22.27
N ASP C 445 -36.23 10.37 22.06
CA ASP C 445 -35.48 10.89 20.89
C ASP C 445 -36.43 11.41 19.80
N ALA C 446 -36.08 12.60 19.25
CA ALA C 446 -36.80 13.38 18.21
C ALA C 446 -38.21 13.75 18.69
N ASP C 447 -38.46 13.73 20.00
CA ASP C 447 -39.81 13.89 20.62
C ASP C 447 -39.89 15.24 21.33
#